data_1D90
# 
_entry.id   1D90 
# 
_audit_conform.dict_name       mmcif_pdbx.dic 
_audit_conform.dict_version    5.385 
_audit_conform.dict_location   http://mmcif.pdb.org/dictionaries/ascii/mmcif_pdbx.dic 
# 
loop_
_database_2.database_id 
_database_2.database_code 
_database_2.pdbx_database_accession 
_database_2.pdbx_DOI 
PDB   1D90         pdb_00001d90 10.2210/pdb1d90/pdb 
RCSB  ADHB17       ?            ?                   
WWPDB D_1000172687 ?            ?                   
# 
loop_
_pdbx_audit_revision_history.ordinal 
_pdbx_audit_revision_history.data_content_type 
_pdbx_audit_revision_history.major_revision 
_pdbx_audit_revision_history.minor_revision 
_pdbx_audit_revision_history.revision_date 
1 'Structure model' 1 0 1993-07-15 
2 'Structure model' 1 1 2008-05-22 
3 'Structure model' 1 2 2011-07-13 
4 'Structure model' 1 3 2024-02-07 
# 
_pdbx_audit_revision_details.ordinal             1 
_pdbx_audit_revision_details.revision_ordinal    1 
_pdbx_audit_revision_details.data_content_type   'Structure model' 
_pdbx_audit_revision_details.provider            repository 
_pdbx_audit_revision_details.type                'Initial release' 
_pdbx_audit_revision_details.description         ? 
_pdbx_audit_revision_details.details             ? 
# 
loop_
_pdbx_audit_revision_group.ordinal 
_pdbx_audit_revision_group.revision_ordinal 
_pdbx_audit_revision_group.data_content_type 
_pdbx_audit_revision_group.group 
1 2 'Structure model' 'Version format compliance' 
2 3 'Structure model' 'Version format compliance' 
3 4 'Structure model' 'Data collection'           
4 4 'Structure model' 'Database references'       
# 
loop_
_pdbx_audit_revision_category.ordinal 
_pdbx_audit_revision_category.revision_ordinal 
_pdbx_audit_revision_category.data_content_type 
_pdbx_audit_revision_category.category 
1 4 'Structure model' chem_comp_atom 
2 4 'Structure model' chem_comp_bond 
3 4 'Structure model' database_2     
# 
loop_
_pdbx_audit_revision_item.ordinal 
_pdbx_audit_revision_item.revision_ordinal 
_pdbx_audit_revision_item.data_content_type 
_pdbx_audit_revision_item.item 
1 4 'Structure model' '_database_2.pdbx_DOI'                
2 4 'Structure model' '_database_2.pdbx_database_accession' 
# 
_pdbx_database_status.status_code                     REL 
_pdbx_database_status.entry_id                        1D90 
_pdbx_database_status.recvd_initial_deposition_date   1992-10-17 
_pdbx_database_status.deposit_site                    BNL 
_pdbx_database_status.process_site                    NDB 
_pdbx_database_status.SG_entry                        . 
_pdbx_database_status.pdb_format_compatible           Y 
_pdbx_database_status.status_code_mr                  ? 
_pdbx_database_status.status_code_sf                  ? 
_pdbx_database_status.status_code_cs                  ? 
_pdbx_database_status.status_code_nmr_data            ? 
_pdbx_database_status.methods_development_category    ? 
# 
loop_
_audit_author.name 
_audit_author.pdbx_ordinal 
'Cruse, W.B.T.' 1 
'Aymani, J.'    2 
'Kennard, O.'   3 
'Brown, T.'     4 
'Jack, A.G.C.'  5 
'Leonard, G.A.' 6 
# 
_citation.id                        primary 
_citation.title                     'Refined crystal structure of an octanucleotide duplex with I.T. mismatched base pairs.' 
_citation.journal_abbrev            'Nucleic Acids Res.' 
_citation.journal_volume            17 
_citation.page_first                55 
_citation.page_last                 72 
_citation.year                      1989 
_citation.journal_id_ASTM           NARHAD 
_citation.country                   UK 
_citation.journal_id_ISSN           0305-1048 
_citation.journal_id_CSD            0389 
_citation.book_publisher            ? 
_citation.pdbx_database_id_PubMed   2911488 
_citation.pdbx_database_id_DOI      10.1093/nar/17.1.55 
# 
loop_
_citation_author.citation_id 
_citation_author.name 
_citation_author.ordinal 
_citation_author.identifier_ORCID 
primary 'Cruse, W.B.'   1 ? 
primary 'Aymani, J.'    2 ? 
primary 'Kennard, O.'   3 ? 
primary 'Brown, T.'     4 ? 
primary 'Jack, A.G.'    5 ? 
primary 'Leonard, G.A.' 6 ? 
# 
loop_
_entity.id 
_entity.type 
_entity.src_method 
_entity.pdbx_description 
_entity.formula_weight 
_entity.pdbx_number_of_molecules 
_entity.pdbx_ec 
_entity.pdbx_mutation 
_entity.pdbx_fragment 
_entity.details 
1 polymer syn 
;DNA (5'-D(*GP*GP*IP*GP*CP*TP*CP*C)-3')
;
2428.590 2  ? ? ? ? 
2 water   nat water                                    18.015   81 ? ? ? ? 
# 
_entity_poly.entity_id                      1 
_entity_poly.type                           polydeoxyribonucleotide 
_entity_poly.nstd_linkage                   no 
_entity_poly.nstd_monomer                   no 
_entity_poly.pdbx_seq_one_letter_code       '(DG)(DG)(DI)(DG)(DC)(DT)(DC)(DC)' 
_entity_poly.pdbx_seq_one_letter_code_can   GGIGCTCC 
_entity_poly.pdbx_strand_id                 A,B 
_entity_poly.pdbx_target_identifier         ? 
# 
_pdbx_entity_nonpoly.entity_id   2 
_pdbx_entity_nonpoly.name        water 
_pdbx_entity_nonpoly.comp_id     HOH 
# 
loop_
_entity_poly_seq.entity_id 
_entity_poly_seq.num 
_entity_poly_seq.mon_id 
_entity_poly_seq.hetero 
1 1 DG n 
1 2 DG n 
1 3 DI n 
1 4 DG n 
1 5 DC n 
1 6 DT n 
1 7 DC n 
1 8 DC n 
# 
loop_
_chem_comp.id 
_chem_comp.type 
_chem_comp.mon_nstd_flag 
_chem_comp.name 
_chem_comp.pdbx_synonyms 
_chem_comp.formula 
_chem_comp.formula_weight 
DC  'DNA linking' y "2'-DEOXYCYTIDINE-5'-MONOPHOSPHATE"  ? 'C9 H14 N3 O7 P'  307.197 
DG  'DNA linking' y "2'-DEOXYGUANOSINE-5'-MONOPHOSPHATE" ? 'C10 H14 N5 O7 P' 347.221 
DI  'DNA linking' y "2'-DEOXYINOSINE-5'-MONOPHOSPHATE"   ? 'C10 H13 N4 O7 P' 332.207 
DT  'DNA linking' y "THYMIDINE-5'-MONOPHOSPHATE"         ? 'C10 H15 N2 O8 P' 322.208 
HOH non-polymer   . WATER                                ? 'H2 O'            18.015  
# 
loop_
_pdbx_poly_seq_scheme.asym_id 
_pdbx_poly_seq_scheme.entity_id 
_pdbx_poly_seq_scheme.seq_id 
_pdbx_poly_seq_scheme.mon_id 
_pdbx_poly_seq_scheme.ndb_seq_num 
_pdbx_poly_seq_scheme.pdb_seq_num 
_pdbx_poly_seq_scheme.auth_seq_num 
_pdbx_poly_seq_scheme.pdb_mon_id 
_pdbx_poly_seq_scheme.auth_mon_id 
_pdbx_poly_seq_scheme.pdb_strand_id 
_pdbx_poly_seq_scheme.pdb_ins_code 
_pdbx_poly_seq_scheme.hetero 
A 1 1 DG 1 1  1  DG G A . n 
A 1 2 DG 2 2  2  DG G A . n 
A 1 3 DI 3 3  3  DI I A . n 
A 1 4 DG 4 4  4  DG G A . n 
A 1 5 DC 5 5  5  DC C A . n 
A 1 6 DT 6 6  6  DT T A . n 
A 1 7 DC 7 7  7  DC C A . n 
A 1 8 DC 8 8  8  DC C A . n 
B 1 1 DG 1 9  9  DG G B . n 
B 1 2 DG 2 10 10 DG G B . n 
B 1 3 DI 3 11 11 DI I B . n 
B 1 4 DG 4 12 12 DG G B . n 
B 1 5 DC 5 13 13 DC C B . n 
B 1 6 DT 6 14 14 DT T B . n 
B 1 7 DC 7 15 15 DC C B . n 
B 1 8 DC 8 16 16 DC C B . n 
# 
loop_
_pdbx_nonpoly_scheme.asym_id 
_pdbx_nonpoly_scheme.entity_id 
_pdbx_nonpoly_scheme.mon_id 
_pdbx_nonpoly_scheme.ndb_seq_num 
_pdbx_nonpoly_scheme.pdb_seq_num 
_pdbx_nonpoly_scheme.auth_seq_num 
_pdbx_nonpoly_scheme.pdb_mon_id 
_pdbx_nonpoly_scheme.auth_mon_id 
_pdbx_nonpoly_scheme.pdb_strand_id 
_pdbx_nonpoly_scheme.pdb_ins_code 
C 2 HOH 1  18 18 HOH HOH A . 
C 2 HOH 2  20 20 HOH HOH A . 
C 2 HOH 3  22 22 HOH HOH A . 
C 2 HOH 4  23 23 HOH HOH A . 
C 2 HOH 5  24 24 HOH HOH A . 
C 2 HOH 6  26 26 HOH HOH A . 
C 2 HOH 7  28 28 HOH HOH A . 
C 2 HOH 8  29 29 HOH HOH A . 
C 2 HOH 9  30 30 HOH HOH A . 
C 2 HOH 10 31 31 HOH HOH A . 
C 2 HOH 11 32 32 HOH HOH A . 
C 2 HOH 12 33 33 HOH HOH A . 
C 2 HOH 13 35 35 HOH HOH A . 
C 2 HOH 14 36 36 HOH HOH A . 
C 2 HOH 15 38 38 HOH HOH A . 
C 2 HOH 16 39 39 HOH HOH A . 
C 2 HOH 17 42 42 HOH HOH A . 
C 2 HOH 18 43 43 HOH HOH A . 
C 2 HOH 19 44 44 HOH HOH A . 
C 2 HOH 20 47 47 HOH HOH A . 
C 2 HOH 21 48 48 HOH HOH A . 
C 2 HOH 22 51 51 HOH HOH A . 
C 2 HOH 23 52 52 HOH HOH A . 
C 2 HOH 24 53 53 HOH HOH A . 
C 2 HOH 25 54 54 HOH HOH A . 
C 2 HOH 26 57 57 HOH HOH A . 
C 2 HOH 27 58 58 HOH HOH A . 
C 2 HOH 28 59 59 HOH HOH A . 
C 2 HOH 29 61 61 HOH HOH A . 
C 2 HOH 30 62 62 HOH HOH A . 
C 2 HOH 31 66 66 HOH HOH A . 
C 2 HOH 32 68 68 HOH HOH A . 
C 2 HOH 33 70 70 HOH HOH A . 
C 2 HOH 34 74 74 HOH HOH A . 
C 2 HOH 35 75 75 HOH HOH A . 
C 2 HOH 36 81 81 HOH HOH A . 
C 2 HOH 37 84 84 HOH HOH A . 
C 2 HOH 38 85 85 HOH HOH A . 
C 2 HOH 39 86 86 HOH HOH A . 
C 2 HOH 40 90 90 HOH HOH A . 
C 2 HOH 41 91 91 HOH HOH A . 
C 2 HOH 42 92 92 HOH HOH A . 
C 2 HOH 43 95 95 HOH HOH A . 
C 2 HOH 44 96 96 HOH HOH A . 
C 2 HOH 45 97 97 HOH HOH A . 
D 2 HOH 1  17 17 HOH HOH B . 
D 2 HOH 2  19 19 HOH HOH B . 
D 2 HOH 3  21 21 HOH HOH B . 
D 2 HOH 4  25 25 HOH HOH B . 
D 2 HOH 5  27 27 HOH HOH B . 
D 2 HOH 6  34 34 HOH HOH B . 
D 2 HOH 7  37 37 HOH HOH B . 
D 2 HOH 8  40 40 HOH HOH B . 
D 2 HOH 9  41 41 HOH HOH B . 
D 2 HOH 10 45 45 HOH HOH B . 
D 2 HOH 11 46 46 HOH HOH B . 
D 2 HOH 12 49 49 HOH HOH B . 
D 2 HOH 13 50 50 HOH HOH B . 
D 2 HOH 14 55 55 HOH HOH B . 
D 2 HOH 15 56 56 HOH HOH B . 
D 2 HOH 16 60 60 HOH HOH B . 
D 2 HOH 17 63 63 HOH HOH B . 
D 2 HOH 18 64 64 HOH HOH B . 
D 2 HOH 19 65 65 HOH HOH B . 
D 2 HOH 20 67 67 HOH HOH B . 
D 2 HOH 21 69 69 HOH HOH B . 
D 2 HOH 22 71 71 HOH HOH B . 
D 2 HOH 23 72 72 HOH HOH B . 
D 2 HOH 24 73 73 HOH HOH B . 
D 2 HOH 25 76 76 HOH HOH B . 
D 2 HOH 26 77 77 HOH HOH B . 
D 2 HOH 27 78 78 HOH HOH B . 
D 2 HOH 28 79 79 HOH HOH B . 
D 2 HOH 29 80 80 HOH HOH B . 
D 2 HOH 30 82 82 HOH HOH B . 
D 2 HOH 31 83 83 HOH HOH B . 
D 2 HOH 32 87 87 HOH HOH B . 
D 2 HOH 33 88 88 HOH HOH B . 
D 2 HOH 34 89 89 HOH HOH B . 
D 2 HOH 35 93 93 HOH HOH B . 
D 2 HOH 36 94 94 HOH HOH B . 
# 
_software.name             NUCLSQ 
_software.classification   refinement 
_software.version          . 
_software.citation_id      ? 
_software.pdbx_ordinal     1 
# 
_cell.entry_id           1D90 
_cell.length_a           45.070 
_cell.length_b           45.070 
_cell.length_c           45.490 
_cell.angle_alpha        90.00 
_cell.angle_beta         90.00 
_cell.angle_gamma        120.00 
_cell.Z_PDB              12 
_cell.pdbx_unique_axis   ? 
# 
_symmetry.entry_id                         1D90 
_symmetry.space_group_name_H-M             'P 61' 
_symmetry.pdbx_full_space_group_name_H-M   ? 
_symmetry.cell_setting                     ? 
_symmetry.Int_Tables_number                169 
# 
_exptl.entry_id          1D90 
_exptl.method            'X-RAY DIFFRACTION' 
_exptl.crystals_number   ? 
# 
_exptl_crystal.id                    1 
_exptl_crystal.density_meas          ? 
_exptl_crystal.density_Matthews      2.75 
_exptl_crystal.density_percent_sol   55.21 
_exptl_crystal.description           ? 
# 
_exptl_crystal_grow.crystal_id      1 
_exptl_crystal_grow.method          'VAPOR DIFFUSION' 
_exptl_crystal_grow.temp            ? 
_exptl_crystal_grow.temp_details    'ROOM TEMPERATURE' 
_exptl_crystal_grow.pH              6.50 
_exptl_crystal_grow.pdbx_details    'pH 6.50, VAPOR DIFFUSION' 
_exptl_crystal_grow.pdbx_pH_range   ? 
# 
loop_
_exptl_crystal_grow_comp.crystal_id 
_exptl_crystal_grow_comp.id 
_exptl_crystal_grow_comp.sol_id 
_exptl_crystal_grow_comp.name 
_exptl_crystal_grow_comp.volume 
_exptl_crystal_grow_comp.conc 
_exptl_crystal_grow_comp.details 
1 1 1 WATER           ? ? ? 
1 2 1 'NA CACODYLATE' ? ? ? 
1 3 1 MGCL2           ? ? ? 
1 4 2 WATER           ? ? ? 
# 
_diffrn.id                     1 
_diffrn.ambient_temp           ? 
_diffrn.ambient_temp_details   'ROOM TEMPERATURE' 
_diffrn.crystal_id             1 
# 
_diffrn_detector.diffrn_id              1 
_diffrn_detector.detector               DIFFRACTOMETER 
_diffrn_detector.type                   'SIEMENS AED2' 
_diffrn_detector.pdbx_collection_date   ? 
_diffrn_detector.details                ? 
# 
_diffrn_radiation.diffrn_id                        1 
_diffrn_radiation.wavelength_id                    1 
_diffrn_radiation.pdbx_monochromatic_or_laue_m_l   ? 
_diffrn_radiation.monochromator                    ? 
_diffrn_radiation.pdbx_diffrn_protocol             ? 
_diffrn_radiation.pdbx_scattering_type             x-ray 
# 
_diffrn_radiation_wavelength.id           1 
_diffrn_radiation_wavelength.wavelength   . 
_diffrn_radiation_wavelength.wt           1.0 
# 
_diffrn_source.diffrn_id                   1 
_diffrn_source.source                      ? 
_diffrn_source.type                        ? 
_diffrn_source.pdbx_synchrotron_site       ? 
_diffrn_source.pdbx_synchrotron_beamline   ? 
_diffrn_source.pdbx_wavelength             ? 
_diffrn_source.pdbx_wavelength_list        ? 
# 
_reflns.entry_id                     1D90 
_reflns.observed_criterion_sigma_I   ? 
_reflns.observed_criterion_sigma_F   1.000 
_reflns.d_resolution_low             ? 
_reflns.d_resolution_high            1.660 
_reflns.number_obs                   3310 
_reflns.number_all                   5795 
_reflns.percent_possible_obs         57 
_reflns.pdbx_Rmerge_I_obs            0.0400000 
_reflns.pdbx_Rsym_value              ? 
_reflns.pdbx_netI_over_sigmaI        ? 
_reflns.B_iso_Wilson_estimate        ? 
_reflns.pdbx_redundancy              ? 
_reflns.pdbx_diffrn_id               1 
_reflns.pdbx_ordinal                 1 
# 
_refine.entry_id                                 1D90 
_refine.ls_number_reflns_obs                     2853 
_refine.ls_number_reflns_all                     ? 
_refine.pdbx_ls_sigma_I                          ? 
_refine.pdbx_ls_sigma_F                          2.000 
_refine.pdbx_data_cutoff_high_absF               ? 
_refine.pdbx_data_cutoff_low_absF                ? 
_refine.pdbx_data_cutoff_high_rms_absF           ? 
_refine.ls_d_res_low                             ? 
_refine.ls_d_res_high                            1.700 
_refine.ls_percent_reflns_obs                    ? 
_refine.ls_R_factor_obs                          0.1400000 
_refine.ls_R_factor_all                          ? 
_refine.ls_R_factor_R_work                       ? 
_refine.ls_R_factor_R_free                       ? 
_refine.ls_R_factor_R_free_error                 ? 
_refine.ls_R_factor_R_free_error_details         ? 
_refine.ls_percent_reflns_R_free                 ? 
_refine.ls_number_reflns_R_free                  ? 
_refine.ls_number_parameters                     ? 
_refine.ls_number_restraints                     ? 
_refine.occupancy_min                            ? 
_refine.occupancy_max                            ? 
_refine.B_iso_mean                               ? 
_refine.aniso_B[1][1]                            ? 
_refine.aniso_B[2][2]                            ? 
_refine.aniso_B[3][3]                            ? 
_refine.aniso_B[1][2]                            ? 
_refine.aniso_B[1][3]                            ? 
_refine.aniso_B[2][3]                            ? 
_refine.solvent_model_details                    ? 
_refine.solvent_model_param_ksol                 ? 
_refine.solvent_model_param_bsol                 ? 
_refine.pdbx_ls_cross_valid_method               ? 
_refine.details                                  ? 
_refine.pdbx_starting_model                      ? 
_refine.pdbx_method_to_determine_struct          ? 
_refine.pdbx_isotropic_thermal_model             ? 
_refine.pdbx_stereochemistry_target_values       ? 
_refine.pdbx_stereochem_target_val_spec_case     ? 
_refine.pdbx_R_Free_selection_details            ? 
_refine.pdbx_overall_ESU_R                       ? 
_refine.pdbx_overall_ESU_R_Free                  ? 
_refine.overall_SU_ML                            ? 
_refine.overall_SU_B                             ? 
_refine.pdbx_refine_id                           'X-RAY DIFFRACTION' 
_refine.pdbx_diffrn_id                           1 
_refine.pdbx_TLS_residual_ADP_flag               ? 
_refine.correlation_coeff_Fo_to_Fc               ? 
_refine.correlation_coeff_Fo_to_Fc_free          ? 
_refine.pdbx_solvent_vdw_probe_radii             ? 
_refine.pdbx_solvent_ion_probe_radii             ? 
_refine.pdbx_solvent_shrinkage_radii             ? 
_refine.pdbx_overall_phase_error                 ? 
_refine.overall_SU_R_Cruickshank_DPI             ? 
_refine.pdbx_overall_SU_R_free_Cruickshank_DPI   ? 
_refine.pdbx_overall_SU_R_Blow_DPI               ? 
_refine.pdbx_overall_SU_R_free_Blow_DPI          ? 
# 
_refine_hist.pdbx_refine_id                   'X-RAY DIFFRACTION' 
_refine_hist.cycle_id                         LAST 
_refine_hist.pdbx_number_atoms_protein        0 
_refine_hist.pdbx_number_atoms_nucleic_acid   322 
_refine_hist.pdbx_number_atoms_ligand         0 
_refine_hist.number_atoms_solvent             81 
_refine_hist.number_atoms_total               403 
_refine_hist.d_res_high                       1.700 
_refine_hist.d_res_low                        . 
# 
_struct.entry_id                  1D90 
_struct.title                     'REFINED CRYSTAL STRUCTURE OF AN OCTANUCLEOTIDE DUPLEX WITH I.T MISMATCHED BASE PAIRS' 
_struct.pdbx_model_details        ? 
_struct.pdbx_CASP_flag            ? 
_struct.pdbx_model_type_details   ? 
# 
_struct_keywords.entry_id        1D90 
_struct_keywords.pdbx_keywords   DNA 
_struct_keywords.text            'A-DNA, DOUBLE HELIX, MODIFIED, MISMATCHED, DNA' 
# 
loop_
_struct_asym.id 
_struct_asym.pdbx_blank_PDB_chainid_flag 
_struct_asym.pdbx_modified 
_struct_asym.entity_id 
_struct_asym.details 
A N N 1 ? 
B N N 1 ? 
C N N 2 ? 
D N N 2 ? 
# 
_struct_ref.id                         1 
_struct_ref.entity_id                  1 
_struct_ref.db_name                    PDB 
_struct_ref.db_code                    1D90 
_struct_ref.pdbx_db_accession          1D90 
_struct_ref.pdbx_db_isoform            ? 
_struct_ref.pdbx_seq_one_letter_code   ? 
_struct_ref.pdbx_align_begin           ? 
# 
loop_
_struct_ref_seq.align_id 
_struct_ref_seq.ref_id 
_struct_ref_seq.pdbx_PDB_id_code 
_struct_ref_seq.pdbx_strand_id 
_struct_ref_seq.seq_align_beg 
_struct_ref_seq.pdbx_seq_align_beg_ins_code 
_struct_ref_seq.seq_align_end 
_struct_ref_seq.pdbx_seq_align_end_ins_code 
_struct_ref_seq.pdbx_db_accession 
_struct_ref_seq.db_align_beg 
_struct_ref_seq.pdbx_db_align_beg_ins_code 
_struct_ref_seq.db_align_end 
_struct_ref_seq.pdbx_db_align_end_ins_code 
_struct_ref_seq.pdbx_auth_seq_align_beg 
_struct_ref_seq.pdbx_auth_seq_align_end 
1 1 1D90 A 1 ? 8 ? 1D90 1 ? 8  ? 1 8  
2 1 1D90 B 1 ? 8 ? 1D90 9 ? 16 ? 9 16 
# 
_pdbx_struct_assembly.id                   1 
_pdbx_struct_assembly.details              author_defined_assembly 
_pdbx_struct_assembly.method_details       ? 
_pdbx_struct_assembly.oligomeric_details   dimeric 
_pdbx_struct_assembly.oligomeric_count     2 
# 
_pdbx_struct_assembly_gen.assembly_id       1 
_pdbx_struct_assembly_gen.oper_expression   1 
_pdbx_struct_assembly_gen.asym_id_list      A,B,C,D 
# 
_pdbx_struct_oper_list.id                   1 
_pdbx_struct_oper_list.type                 'identity operation' 
_pdbx_struct_oper_list.name                 1_555 
_pdbx_struct_oper_list.symmetry_operation   x,y,z 
_pdbx_struct_oper_list.matrix[1][1]         1.0000000000 
_pdbx_struct_oper_list.matrix[1][2]         0.0000000000 
_pdbx_struct_oper_list.matrix[1][3]         0.0000000000 
_pdbx_struct_oper_list.vector[1]            0.0000000000 
_pdbx_struct_oper_list.matrix[2][1]         0.0000000000 
_pdbx_struct_oper_list.matrix[2][2]         1.0000000000 
_pdbx_struct_oper_list.matrix[2][3]         0.0000000000 
_pdbx_struct_oper_list.vector[2]            0.0000000000 
_pdbx_struct_oper_list.matrix[3][1]         0.0000000000 
_pdbx_struct_oper_list.matrix[3][2]         0.0000000000 
_pdbx_struct_oper_list.matrix[3][3]         1.0000000000 
_pdbx_struct_oper_list.vector[3]            0.0000000000 
# 
_struct_biol.id   1 
# 
loop_
_struct_conn.id 
_struct_conn.conn_type_id 
_struct_conn.pdbx_leaving_atom_flag 
_struct_conn.pdbx_PDB_id 
_struct_conn.ptnr1_label_asym_id 
_struct_conn.ptnr1_label_comp_id 
_struct_conn.ptnr1_label_seq_id 
_struct_conn.ptnr1_label_atom_id 
_struct_conn.pdbx_ptnr1_label_alt_id 
_struct_conn.pdbx_ptnr1_PDB_ins_code 
_struct_conn.pdbx_ptnr1_standard_comp_id 
_struct_conn.ptnr1_symmetry 
_struct_conn.ptnr2_label_asym_id 
_struct_conn.ptnr2_label_comp_id 
_struct_conn.ptnr2_label_seq_id 
_struct_conn.ptnr2_label_atom_id 
_struct_conn.pdbx_ptnr2_label_alt_id 
_struct_conn.pdbx_ptnr2_PDB_ins_code 
_struct_conn.ptnr1_auth_asym_id 
_struct_conn.ptnr1_auth_comp_id 
_struct_conn.ptnr1_auth_seq_id 
_struct_conn.ptnr2_auth_asym_id 
_struct_conn.ptnr2_auth_comp_id 
_struct_conn.ptnr2_auth_seq_id 
_struct_conn.ptnr2_symmetry 
_struct_conn.pdbx_ptnr3_label_atom_id 
_struct_conn.pdbx_ptnr3_label_seq_id 
_struct_conn.pdbx_ptnr3_label_comp_id 
_struct_conn.pdbx_ptnr3_label_asym_id 
_struct_conn.pdbx_ptnr3_label_alt_id 
_struct_conn.pdbx_ptnr3_PDB_ins_code 
_struct_conn.details 
_struct_conn.pdbx_dist_value 
_struct_conn.pdbx_value_order 
_struct_conn.pdbx_role 
hydrog1  hydrog ? ? A DG 1 N1 ? ? ? 1_555 B DC 8 N3 ? ? A DG 1 B DC 16 1_555 ? ? ? ? ? ? WATSON-CRICK ? ? ? 
hydrog2  hydrog ? ? A DG 1 N2 ? ? ? 1_555 B DC 8 O2 ? ? A DG 1 B DC 16 1_555 ? ? ? ? ? ? WATSON-CRICK ? ? ? 
hydrog3  hydrog ? ? A DG 1 O6 ? ? ? 1_555 B DC 8 N4 ? ? A DG 1 B DC 16 1_555 ? ? ? ? ? ? WATSON-CRICK ? ? ? 
hydrog4  hydrog ? ? A DG 2 N1 ? ? ? 1_555 B DC 7 N3 ? ? A DG 2 B DC 15 1_555 ? ? ? ? ? ? WATSON-CRICK ? ? ? 
hydrog5  hydrog ? ? A DG 2 N2 ? ? ? 1_555 B DC 7 O2 ? ? A DG 2 B DC 15 1_555 ? ? ? ? ? ? WATSON-CRICK ? ? ? 
hydrog6  hydrog ? ? A DG 2 O6 ? ? ? 1_555 B DC 7 N4 ? ? A DG 2 B DC 15 1_555 ? ? ? ? ? ? WATSON-CRICK ? ? ? 
hydrog7  hydrog ? ? A DG 4 N1 ? ? ? 1_555 B DC 5 N3 ? ? A DG 4 B DC 13 1_555 ? ? ? ? ? ? WATSON-CRICK ? ? ? 
hydrog8  hydrog ? ? A DG 4 N2 ? ? ? 1_555 B DC 5 O2 ? ? A DG 4 B DC 13 1_555 ? ? ? ? ? ? WATSON-CRICK ? ? ? 
hydrog9  hydrog ? ? A DG 4 O6 ? ? ? 1_555 B DC 5 N4 ? ? A DG 4 B DC 13 1_555 ? ? ? ? ? ? WATSON-CRICK ? ? ? 
hydrog10 hydrog ? ? A DC 5 N3 ? ? ? 1_555 B DG 4 N1 ? ? A DC 5 B DG 12 1_555 ? ? ? ? ? ? WATSON-CRICK ? ? ? 
hydrog11 hydrog ? ? A DC 5 N4 ? ? ? 1_555 B DG 4 O6 ? ? A DC 5 B DG 12 1_555 ? ? ? ? ? ? WATSON-CRICK ? ? ? 
hydrog12 hydrog ? ? A DC 5 O2 ? ? ? 1_555 B DG 4 N2 ? ? A DC 5 B DG 12 1_555 ? ? ? ? ? ? WATSON-CRICK ? ? ? 
hydrog13 hydrog ? ? A DC 7 N3 ? ? ? 1_555 B DG 2 N1 ? ? A DC 7 B DG 10 1_555 ? ? ? ? ? ? WATSON-CRICK ? ? ? 
hydrog14 hydrog ? ? A DC 7 N4 ? ? ? 1_555 B DG 2 O6 ? ? A DC 7 B DG 10 1_555 ? ? ? ? ? ? WATSON-CRICK ? ? ? 
hydrog15 hydrog ? ? A DC 7 O2 ? ? ? 1_555 B DG 2 N2 ? ? A DC 7 B DG 10 1_555 ? ? ? ? ? ? WATSON-CRICK ? ? ? 
hydrog16 hydrog ? ? A DC 8 N3 ? ? ? 1_555 B DG 1 N1 ? ? A DC 8 B DG 9  1_555 ? ? ? ? ? ? WATSON-CRICK ? ? ? 
hydrog17 hydrog ? ? A DC 8 N4 ? ? ? 1_555 B DG 1 O6 ? ? A DC 8 B DG 9  1_555 ? ? ? ? ? ? WATSON-CRICK ? ? ? 
hydrog18 hydrog ? ? A DC 8 O2 ? ? ? 1_555 B DG 1 N2 ? ? A DC 8 B DG 9  1_555 ? ? ? ? ? ? WATSON-CRICK ? ? ? 
# 
_struct_conn_type.id          hydrog 
_struct_conn_type.criteria    ? 
_struct_conn_type.reference   ? 
# 
_pdbx_validate_symm_contact.id                1 
_pdbx_validate_symm_contact.PDB_model_num     1 
_pdbx_validate_symm_contact.auth_atom_id_1    O 
_pdbx_validate_symm_contact.auth_asym_id_1    A 
_pdbx_validate_symm_contact.auth_comp_id_1    HOH 
_pdbx_validate_symm_contact.auth_seq_id_1     52 
_pdbx_validate_symm_contact.PDB_ins_code_1    ? 
_pdbx_validate_symm_contact.label_alt_id_1    ? 
_pdbx_validate_symm_contact.site_symmetry_1   1_555 
_pdbx_validate_symm_contact.auth_atom_id_2    O 
_pdbx_validate_symm_contact.auth_asym_id_2    B 
_pdbx_validate_symm_contact.auth_comp_id_2    HOH 
_pdbx_validate_symm_contact.auth_seq_id_2     34 
_pdbx_validate_symm_contact.PDB_ins_code_2    ? 
_pdbx_validate_symm_contact.label_alt_id_2    ? 
_pdbx_validate_symm_contact.site_symmetry_2   6_545 
_pdbx_validate_symm_contact.dist              2.15 
# 
loop_
_pdbx_validate_rmsd_bond.id 
_pdbx_validate_rmsd_bond.PDB_model_num 
_pdbx_validate_rmsd_bond.auth_atom_id_1 
_pdbx_validate_rmsd_bond.auth_asym_id_1 
_pdbx_validate_rmsd_bond.auth_comp_id_1 
_pdbx_validate_rmsd_bond.auth_seq_id_1 
_pdbx_validate_rmsd_bond.PDB_ins_code_1 
_pdbx_validate_rmsd_bond.label_alt_id_1 
_pdbx_validate_rmsd_bond.auth_atom_id_2 
_pdbx_validate_rmsd_bond.auth_asym_id_2 
_pdbx_validate_rmsd_bond.auth_comp_id_2 
_pdbx_validate_rmsd_bond.auth_seq_id_2 
_pdbx_validate_rmsd_bond.PDB_ins_code_2 
_pdbx_validate_rmsd_bond.label_alt_id_2 
_pdbx_validate_rmsd_bond.bond_value 
_pdbx_validate_rmsd_bond.bond_target_value 
_pdbx_validate_rmsd_bond.bond_deviation 
_pdbx_validate_rmsd_bond.bond_standard_deviation 
_pdbx_validate_rmsd_bond.linker_flag 
1   1 N1    A DG 1  ? ? C2    A DG 1  ? ? 1.467 1.373 0.094 0.008 N 
2   1 C4    A DG 1  ? ? C5    A DG 1  ? ? 1.455 1.379 0.076 0.007 N 
3   1 N7    A DG 1  ? ? C8    A DG 1  ? ? 1.358 1.305 0.053 0.006 N 
4   1 C8    A DG 1  ? ? N9    A DG 1  ? ? 1.438 1.374 0.064 0.007 N 
5   1 C6    A DG 1  ? ? O6    A DG 1  ? ? 1.311 1.237 0.074 0.009 N 
6   1 "C4'" A DG 2  ? ? "C3'" A DG 2  ? ? 1.601 1.529 0.072 0.010 N 
7   1 C2    A DG 2  ? ? N3    A DG 2  ? ? 1.380 1.323 0.057 0.008 N 
8   1 N7    A DG 2  ? ? C8    A DG 2  ? ? 1.368 1.305 0.063 0.006 N 
9   1 N9    A DG 2  ? ? C4    A DG 2  ? ? 1.427 1.375 0.052 0.008 N 
10  1 C6    A DG 2  ? ? O6    A DG 2  ? ? 1.313 1.237 0.076 0.009 N 
11  1 "O3'" A DG 2  ? ? P     A DI 3  ? ? 1.696 1.607 0.089 0.012 Y 
12  1 "C4'" A DI 3  ? ? "C3'" A DI 3  ? ? 1.674 1.524 0.150 0.020 N 
13  1 P     A DG 4  ? ? "O5'" A DG 4  ? ? 1.656 1.593 0.063 0.010 N 
14  1 "C5'" A DG 4  ? ? "C4'" A DG 4  ? ? 1.582 1.512 0.070 0.007 N 
15  1 "C4'" A DG 4  ? ? "C3'" A DG 4  ? ? 1.645 1.529 0.116 0.010 N 
16  1 "O4'" A DG 4  ? ? "C1'" A DG 4  ? ? 1.523 1.420 0.103 0.011 N 
17  1 N3    A DG 4  ? ? C4    A DG 4  ? ? 1.437 1.350 0.087 0.007 N 
18  1 C6    A DG 4  ? ? N1    A DG 4  ? ? 1.447 1.391 0.056 0.007 N 
19  1 C5    A DG 4  ? ? N7    A DG 4  ? ? 1.452 1.388 0.064 0.006 N 
20  1 N9    A DG 4  ? ? C4    A DG 4  ? ? 1.437 1.375 0.062 0.008 N 
21  1 C2    A DG 4  ? ? N2    A DG 4  ? ? 1.406 1.341 0.065 0.010 N 
22  1 P     A DC 5  ? ? "O5'" A DC 5  ? ? 1.751 1.593 0.158 0.010 N 
23  1 "C5'" A DC 5  ? ? "C4'" A DC 5  ? ? 1.595 1.512 0.083 0.007 N 
24  1 "C2'" A DC 5  ? ? "C1'" A DC 5  ? ? 1.593 1.519 0.074 0.010 N 
25  1 "O4'" A DC 5  ? ? "C1'" A DC 5  ? ? 1.493 1.420 0.073 0.011 N 
26  1 C2    A DC 5  ? ? O2    A DC 5  ? ? 1.305 1.240 0.065 0.009 N 
27  1 N1    A DC 5  ? ? C6    A DC 5  ? ? 1.446 1.367 0.079 0.006 N 
28  1 N3    A DC 5  ? ? C4    A DC 5  ? ? 1.417 1.335 0.082 0.007 N 
29  1 "C2'" A DT 6  ? ? "C1'" A DT 6  ? ? 1.597 1.519 0.078 0.010 N 
30  1 "O3'" A DT 6  ? ? "C3'" A DT 6  ? ? 1.536 1.435 0.101 0.013 N 
31  1 C2    A DT 6  ? ? N3    A DT 6  ? ? 1.460 1.373 0.087 0.008 N 
32  1 N3    A DT 6  ? ? C4    A DT 6  ? ? 1.438 1.382 0.056 0.008 N 
33  1 C5    A DT 6  ? ? C6    A DT 6  ? ? 1.418 1.339 0.079 0.007 N 
34  1 C6    A DT 6  ? ? N1    A DT 6  ? ? 1.430 1.378 0.052 0.007 N 
35  1 C2    A DT 6  ? ? O2    A DT 6  ? ? 1.268 1.220 0.048 0.008 N 
36  1 C4    A DT 6  ? ? O4    A DT 6  ? ? 1.311 1.228 0.083 0.009 N 
37  1 C5    A DT 6  ? ? C7    A DT 6  ? ? 1.534 1.496 0.038 0.006 N 
38  1 "O4'" A DC 7  ? ? "C4'" A DC 7  ? ? 1.518 1.449 0.069 0.009 N 
39  1 "O3'" A DC 7  ? ? "C3'" A DC 7  ? ? 1.549 1.435 0.114 0.013 N 
40  1 "C1'" A DC 7  ? ? N1    A DC 7  ? ? 1.569 1.488 0.081 0.013 N 
41  1 C4    A DC 7  ? ? N4    A DC 7  ? ? 1.457 1.335 0.122 0.009 N 
42  1 C2    A DC 7  ? ? N3    A DC 7  ? ? 1.463 1.353 0.110 0.008 N 
43  1 C5    A DC 7  ? ? C6    A DC 7  ? ? 1.435 1.339 0.096 0.008 N 
44  1 P     A DC 8  ? ? OP1   A DC 8  ? ? 1.607 1.485 0.122 0.017 N 
45  1 "C3'" A DC 8  ? ? "C2'" A DC 8  ? ? 1.594 1.518 0.076 0.012 N 
46  1 "O4'" A DC 8  ? ? "C1'" A DC 8  ? ? 1.495 1.420 0.075 0.011 N 
47  1 "O4'" A DC 8  ? ? "C4'" A DC 8  ? ? 1.515 1.449 0.066 0.009 N 
48  1 C4    A DC 8  ? ? N4    A DC 8  ? ? 1.407 1.335 0.072 0.009 N 
49  1 N1    A DC 8  ? ? C2    A DC 8  ? ? 1.507 1.397 0.110 0.010 N 
50  1 C2    A DC 8  ? ? N3    A DC 8  ? ? 1.403 1.353 0.050 0.008 N 
51  1 C4    A DC 8  ? ? C5    A DC 8  ? ? 1.532 1.425 0.107 0.008 N 
52  1 "C5'" B DG 9  ? ? "C4'" B DG 9  ? ? 1.607 1.512 0.095 0.007 N 
53  1 "C3'" B DG 9  ? ? "C2'" B DG 9  ? ? 1.641 1.518 0.123 0.012 N 
54  1 "O4'" B DG 9  ? ? "C1'" B DG 9  ? ? 1.562 1.420 0.142 0.011 N 
55  1 C2    B DG 9  ? ? N3    B DG 9  ? ? 1.407 1.323 0.084 0.008 N 
56  1 N3    B DG 9  ? ? C4    B DG 9  ? ? 1.410 1.350 0.060 0.007 N 
57  1 C5    B DG 9  ? ? C6    B DG 9  ? ? 1.502 1.419 0.083 0.010 N 
58  1 C6    B DG 9  ? ? N1    B DG 9  ? ? 1.441 1.391 0.050 0.007 N 
59  1 C5    B DG 9  ? ? N7    B DG 9  ? ? 1.488 1.388 0.100 0.006 N 
60  1 N9    B DG 9  ? ? C4    B DG 9  ? ? 1.472 1.375 0.097 0.008 N 
61  1 C2    B DG 9  ? ? N2    B DG 9  ? ? 1.414 1.341 0.073 0.010 N 
62  1 P     B DG 10 ? ? "O5'" B DG 10 ? ? 1.714 1.593 0.121 0.010 N 
63  1 "C5'" B DG 10 ? ? "C4'" B DG 10 ? ? 1.635 1.512 0.123 0.007 N 
64  1 "C3'" B DG 10 ? ? "C2'" B DG 10 ? ? 1.631 1.518 0.113 0.012 N 
65  1 "O4'" B DG 10 ? ? "C1'" B DG 10 ? ? 1.494 1.420 0.074 0.011 N 
66  1 N3    B DG 10 ? ? C4    B DG 10 ? ? 1.460 1.350 0.110 0.007 N 
67  1 C6    B DG 10 ? ? N1    B DG 10 ? ? 1.513 1.391 0.122 0.007 N 
68  1 C5    B DG 10 ? ? N7    B DG 10 ? ? 1.489 1.388 0.101 0.006 N 
69  1 C8    B DG 10 ? ? N9    B DG 10 ? ? 1.454 1.374 0.080 0.007 N 
70  1 N9    B DG 10 ? ? C4    B DG 10 ? ? 1.425 1.375 0.050 0.008 N 
71  1 C2    B DG 10 ? ? N2    B DG 10 ? ? 1.448 1.341 0.107 0.010 N 
72  1 "O5'" B DI 11 ? ? "C5'" B DI 11 ? ? 1.536 1.410 0.126 0.020 N 
73  1 P     B DG 12 ? ? OP2   B DG 12 ? ? 1.608 1.485 0.123 0.017 N 
74  1 "O5'" B DG 12 ? ? "C5'" B DG 12 ? ? 1.566 1.440 0.126 0.016 N 
75  1 "C1'" B DG 12 ? ? N9    B DG 12 ? ? 1.580 1.488 0.092 0.013 N 
76  1 N1    B DG 12 ? ? C2    B DG 12 ? ? 1.487 1.373 0.114 0.008 N 
77  1 C4    B DG 12 ? ? C5    B DG 12 ? ? 1.470 1.379 0.091 0.007 N 
78  1 N7    B DG 12 ? ? C8    B DG 12 ? ? 1.365 1.305 0.060 0.006 N 
79  1 C8    B DG 12 ? ? N9    B DG 12 ? ? 1.452 1.374 0.078 0.007 N 
80  1 C6    B DG 12 ? ? O6    B DG 12 ? ? 1.331 1.237 0.094 0.009 N 
81  1 "C4'" B DC 13 ? ? "C3'" B DC 13 ? ? 1.621 1.529 0.092 0.010 N 
82  1 "O4'" B DC 13 ? ? "C1'" B DC 13 ? ? 1.497 1.420 0.077 0.011 N 
83  1 C4    B DC 13 ? ? N4    B DC 13 ? ? 1.399 1.335 0.064 0.009 N 
84  1 C2    B DC 13 ? ? N3    B DC 13 ? ? 1.423 1.353 0.070 0.008 N 
85  1 C5    B DC 13 ? ? C6    B DC 13 ? ? 1.405 1.339 0.066 0.008 N 
86  1 "C5'" B DT 14 ? ? "C4'" B DT 14 ? ? 1.566 1.512 0.054 0.007 N 
87  1 "C4'" B DT 14 ? ? "C3'" B DT 14 ? ? 1.652 1.529 0.123 0.010 N 
88  1 "O4'" B DT 14 ? ? "C1'" B DT 14 ? ? 1.530 1.420 0.110 0.011 N 
89  1 N1    B DT 14 ? ? C2    B DT 14 ? ? 1.443 1.376 0.067 0.008 N 
90  1 C4    B DT 14 ? ? C5    B DT 14 ? ? 1.509 1.445 0.064 0.009 N 
91  1 P     B DC 15 ? ? "O5'" B DC 15 ? ? 1.667 1.593 0.074 0.010 N 
92  1 "C5'" B DC 15 ? ? "C4'" B DC 15 ? ? 1.582 1.512 0.070 0.007 N 
93  1 "C4'" B DC 15 ? ? "C3'" B DC 15 ? ? 1.646 1.529 0.117 0.010 N 
94  1 "O4'" B DC 15 ? ? "C1'" B DC 15 ? ? 1.538 1.420 0.118 0.011 N 
95  1 P     B DC 16 ? ? "O5'" B DC 16 ? ? 1.686 1.593 0.093 0.010 N 
96  1 "C4'" B DC 16 ? ? "C3'" B DC 16 ? ? 1.606 1.529 0.077 0.010 N 
97  1 "O4'" B DC 16 ? ? "C1'" B DC 16 ? ? 1.491 1.420 0.071 0.011 N 
98  1 C2    B DC 16 ? ? O2    B DC 16 ? ? 1.296 1.240 0.056 0.009 N 
99  1 N1    B DC 16 ? ? C6    B DC 16 ? ? 1.454 1.367 0.087 0.006 N 
100 1 N3    B DC 16 ? ? C4    B DC 16 ? ? 1.420 1.335 0.085 0.007 N 
# 
loop_
_pdbx_validate_rmsd_angle.id 
_pdbx_validate_rmsd_angle.PDB_model_num 
_pdbx_validate_rmsd_angle.auth_atom_id_1 
_pdbx_validate_rmsd_angle.auth_asym_id_1 
_pdbx_validate_rmsd_angle.auth_comp_id_1 
_pdbx_validate_rmsd_angle.auth_seq_id_1 
_pdbx_validate_rmsd_angle.PDB_ins_code_1 
_pdbx_validate_rmsd_angle.label_alt_id_1 
_pdbx_validate_rmsd_angle.auth_atom_id_2 
_pdbx_validate_rmsd_angle.auth_asym_id_2 
_pdbx_validate_rmsd_angle.auth_comp_id_2 
_pdbx_validate_rmsd_angle.auth_seq_id_2 
_pdbx_validate_rmsd_angle.PDB_ins_code_2 
_pdbx_validate_rmsd_angle.label_alt_id_2 
_pdbx_validate_rmsd_angle.auth_atom_id_3 
_pdbx_validate_rmsd_angle.auth_asym_id_3 
_pdbx_validate_rmsd_angle.auth_comp_id_3 
_pdbx_validate_rmsd_angle.auth_seq_id_3 
_pdbx_validate_rmsd_angle.PDB_ins_code_3 
_pdbx_validate_rmsd_angle.label_alt_id_3 
_pdbx_validate_rmsd_angle.angle_value 
_pdbx_validate_rmsd_angle.angle_target_value 
_pdbx_validate_rmsd_angle.angle_deviation 
_pdbx_validate_rmsd_angle.angle_standard_deviation 
_pdbx_validate_rmsd_angle.linker_flag 
1  1 "C5'" A DG 1  ? ? "C4'" A DG 1  ? ? "O4'" A DG 1  ? ? 119.45 109.80 9.65  1.10 N 
2  1 "C4'" A DG 1  ? ? "C3'" A DG 1  ? ? "C2'" A DG 1  ? ? 95.98  102.20 -6.22 0.70 N 
3  1 "C3'" A DG 1  ? ? "C2'" A DG 1  ? ? "C1'" A DG 1  ? ? 97.13  102.40 -5.27 0.80 N 
4  1 "O4'" A DG 1  ? ? "C1'" A DG 1  ? ? N9    A DG 1  ? ? 103.77 108.00 -4.23 0.70 N 
5  1 C8    A DG 1  ? ? N9    A DG 1  ? ? C4    A DG 1  ? ? 102.85 106.40 -3.55 0.40 N 
6  1 "O5'" A DG 2  ? ? "C5'" A DG 2  ? ? "C4'" A DG 2  ? ? 104.12 109.40 -5.28 0.80 N 
7  1 "O4'" A DG 2  ? ? "C4'" A DG 2  ? ? "C3'" A DG 2  ? ? 99.98  104.50 -4.52 0.40 N 
8  1 "O4'" A DG 2  ? ? "C1'" A DG 2  ? ? N9    A DG 2  ? ? 111.44 108.30 3.14  0.30 N 
9  1 C4    A DG 2  ? ? C5    A DG 2  ? ? N7    A DG 2  ? ? 107.38 110.80 -3.42 0.40 N 
10 1 C8    A DG 2  ? ? N9    A DG 2  ? ? C4    A DG 2  ? ? 103.07 106.40 -3.33 0.40 N 
11 1 N9    A DG 2  ? ? C4    A DG 2  ? ? C5    A DG 2  ? ? 109.57 105.40 4.17  0.40 N 
12 1 C5    A DG 2  ? ? C6    A DG 2  ? ? O6    A DG 2  ? ? 132.21 128.60 3.61  0.60 N 
13 1 "O5'" A DI 3  ? ? P     A DI 3  ? ? OP2   A DI 3  ? ? 99.89  105.70 -5.81 0.90 N 
14 1 "O4'" A DG 4  ? ? "C4'" A DG 4  ? ? "C3'" A DG 4  ? ? 101.11 104.50 -3.39 0.40 N 
15 1 "C3'" A DG 4  ? ? "C2'" A DG 4  ? ? "C1'" A DG 4  ? ? 95.17  102.40 -7.23 0.80 N 
16 1 "O4'" A DG 4  ? ? "C1'" A DG 4  ? ? "C2'" A DG 4  ? ? 110.82 106.80 4.02  0.50 N 
17 1 N3    A DC 5  ? ? C4    A DC 5  ? ? N4    A DC 5  ? ? 122.21 118.00 4.21  0.70 N 
18 1 C5    A DC 5  ? ? C4    A DC 5  ? ? N4    A DC 5  ? ? 115.06 120.20 -5.14 0.70 N 
19 1 "O4'" A DT 6  ? ? "C1'" A DT 6  ? ? N1    A DT 6  ? ? 110.27 108.30 1.97  0.30 N 
20 1 N3    A DT 6  ? ? C4    A DT 6  ? ? O4    A DT 6  ? ? 123.78 119.90 3.88  0.60 N 
21 1 "O5'" A DC 7  ? ? P     A DC 7  ? ? OP1   A DC 7  ? ? 98.34  105.70 -7.36 0.90 N 
22 1 N3    A DC 7  ? ? C4    A DC 7  ? ? C5    A DC 7  ? ? 119.11 121.90 -2.79 0.40 N 
23 1 C4    A DC 7  ? ? C5    A DC 7  ? ? C6    A DC 7  ? ? 120.93 117.40 3.53  0.50 N 
24 1 N1    A DC 7  ? ? C2    A DC 7  ? ? O2    A DC 7  ? ? 115.00 118.90 -3.90 0.60 N 
25 1 "O4'" A DC 8  ? ? "C1'" A DC 8  ? ? N1    A DC 8  ? ? 111.60 108.30 3.30  0.30 N 
26 1 C2    A DC 8  ? ? N3    A DC 8  ? ? C4    A DC 8  ? ? 116.70 119.90 -3.20 0.50 N 
27 1 C4    A DC 8  ? ? C5    A DC 8  ? ? C6    A DC 8  ? ? 122.46 117.40 5.06  0.50 N 
28 1 C5    A DC 8  ? ? C6    A DC 8  ? ? N1    A DC 8  ? ? 116.78 121.00 -4.22 0.50 N 
29 1 "O4'" B DG 9  ? ? "C4'" B DG 9  ? ? "C3'" B DG 9  ? ? 99.82  104.50 -4.68 0.40 N 
30 1 "C5'" B DG 9  ? ? "C4'" B DG 9  ? ? "O4'" B DG 9  ? ? 122.22 109.80 12.42 1.10 N 
31 1 "O4'" B DG 9  ? ? "C1'" B DG 9  ? ? N9    B DG 9  ? ? 110.62 108.30 2.32  0.30 N 
32 1 C2    B DG 9  ? ? N3    B DG 9  ? ? C4    B DG 9  ? ? 115.80 111.90 3.90  0.50 N 
33 1 C5    B DG 9  ? ? N7    B DG 9  ? ? C8    B DG 9  ? ? 107.36 104.30 3.06  0.50 N 
34 1 N7    B DG 9  ? ? C8    B DG 9  ? ? N9    B DG 9  ? ? 110.07 113.10 -3.03 0.50 N 
35 1 "O4'" B DG 10 ? ? "C4'" B DG 10 ? ? "C3'" B DG 10 ? ? 100.79 104.50 -3.71 0.40 N 
36 1 "O4'" B DG 10 ? ? "C1'" B DG 10 ? ? N9    B DG 10 ? ? 103.10 108.00 -4.90 0.70 N 
37 1 C4    B DG 10 ? ? C5    B DG 10 ? ? N7    B DG 10 ? ? 114.06 110.80 3.26  0.40 N 
38 1 C8    B DG 10 ? ? N9    B DG 10 ? ? C4    B DG 10 ? ? 110.93 106.40 4.53  0.40 N 
39 1 N9    B DG 10 ? ? C4    B DG 10 ? ? C5    B DG 10 ? ? 100.29 105.40 -5.11 0.40 N 
40 1 C5    B DG 10 ? ? C6    B DG 10 ? ? O6    B DG 10 ? ? 124.63 128.60 -3.97 0.60 N 
41 1 C2    B DG 12 ? ? N3    B DG 12 ? ? C4    B DG 12 ? ? 107.47 111.90 -4.43 0.50 N 
42 1 C5    B DG 12 ? ? C6    B DG 12 ? ? N1    B DG 12 ? ? 108.21 111.50 -3.29 0.50 N 
43 1 N7    B DG 12 ? ? C8    B DG 12 ? ? N9    B DG 12 ? ? 116.12 113.10 3.02  0.50 N 
44 1 C8    B DG 12 ? ? N9    B DG 12 ? ? C4    B DG 12 ? ? 103.63 106.40 -2.77 0.40 N 
45 1 C6    B DG 12 ? ? C5    B DG 12 ? ? N7    B DG 12 ? ? 126.71 130.40 -3.69 0.60 N 
46 1 "O4'" B DC 13 ? ? "C4'" B DC 13 ? ? "C3'" B DC 13 ? ? 101.19 104.50 -3.31 0.40 N 
47 1 "C4'" B DC 13 ? ? "C3'" B DC 13 ? ? "C2'" B DC 13 ? ? 96.34  102.20 -5.86 0.70 N 
48 1 "O4'" B DC 13 ? ? "C1'" B DC 13 ? ? N1    B DC 13 ? ? 113.21 108.30 4.91  0.30 N 
49 1 "O5'" B DT 14 ? ? "C5'" B DT 14 ? ? "C4'" B DT 14 ? ? 103.99 109.40 -5.41 0.80 N 
50 1 "O4'" B DT 14 ? ? "C4'" B DT 14 ? ? "C3'" B DT 14 ? ? 100.21 104.50 -4.29 0.40 N 
51 1 "O4'" B DT 14 ? ? "C1'" B DT 14 ? ? "C2'" B DT 14 ? ? 110.10 106.80 3.30  0.50 N 
52 1 C5    B DT 14 ? ? C6    B DT 14 ? ? N1    B DT 14 ? ? 119.99 123.70 -3.71 0.60 N 
53 1 "O4'" B DC 15 ? ? "C4'" B DC 15 ? ? "C3'" B DC 15 ? ? 100.21 104.50 -4.29 0.40 N 
54 1 "C3'" B DC 15 ? ? "C2'" B DC 15 ? ? "C1'" B DC 15 ? ? 96.59  102.40 -5.81 0.80 N 
55 1 "O4'" B DC 15 ? ? "C1'" B DC 15 ? ? "C2'" B DC 15 ? ? 110.24 106.80 3.44  0.50 N 
56 1 "C3'" B DC 15 ? ? "O3'" B DC 15 ? ? P     B DC 16 ? ? 128.75 119.70 9.05  1.20 Y 
57 1 "O4'" B DC 16 ? ? "C4'" B DC 16 ? ? "C3'" B DC 16 ? ? 111.00 106.00 5.00  0.60 N 
58 1 "O4'" B DC 16 ? ? "C1'" B DC 16 ? ? "C2'" B DC 16 ? ? 111.99 106.80 5.19  0.50 N 
59 1 "O4'" B DC 16 ? ? "C1'" B DC 16 ? ? N1    B DC 16 ? ? 102.41 108.00 -5.59 0.70 N 
# 
_refine_B_iso.class            'ALL ATOMS' 
_refine_B_iso.details          TR 
_refine_B_iso.treatment        isotropic 
_refine_B_iso.pdbx_refine_id   'X-RAY DIFFRACTION' 
# 
_refine_occupancy.class            'ALL ATOMS' 
_refine_occupancy.treatment        fix 
_refine_occupancy.pdbx_refine_id   'X-RAY DIFFRACTION' 
# 
loop_
_chem_comp_atom.comp_id 
_chem_comp_atom.atom_id 
_chem_comp_atom.type_symbol 
_chem_comp_atom.pdbx_aromatic_flag 
_chem_comp_atom.pdbx_stereo_config 
_chem_comp_atom.pdbx_ordinal 
DC  OP3    O N N 1   
DC  P      P N N 2   
DC  OP1    O N N 3   
DC  OP2    O N N 4   
DC  "O5'"  O N N 5   
DC  "C5'"  C N N 6   
DC  "C4'"  C N R 7   
DC  "O4'"  O N N 8   
DC  "C3'"  C N S 9   
DC  "O3'"  O N N 10  
DC  "C2'"  C N N 11  
DC  "C1'"  C N R 12  
DC  N1     N N N 13  
DC  C2     C N N 14  
DC  O2     O N N 15  
DC  N3     N N N 16  
DC  C4     C N N 17  
DC  N4     N N N 18  
DC  C5     C N N 19  
DC  C6     C N N 20  
DC  HOP3   H N N 21  
DC  HOP2   H N N 22  
DC  "H5'"  H N N 23  
DC  "H5''" H N N 24  
DC  "H4'"  H N N 25  
DC  "H3'"  H N N 26  
DC  "HO3'" H N N 27  
DC  "H2'"  H N N 28  
DC  "H2''" H N N 29  
DC  "H1'"  H N N 30  
DC  H41    H N N 31  
DC  H42    H N N 32  
DC  H5     H N N 33  
DC  H6     H N N 34  
DG  OP3    O N N 35  
DG  P      P N N 36  
DG  OP1    O N N 37  
DG  OP2    O N N 38  
DG  "O5'"  O N N 39  
DG  "C5'"  C N N 40  
DG  "C4'"  C N R 41  
DG  "O4'"  O N N 42  
DG  "C3'"  C N S 43  
DG  "O3'"  O N N 44  
DG  "C2'"  C N N 45  
DG  "C1'"  C N R 46  
DG  N9     N Y N 47  
DG  C8     C Y N 48  
DG  N7     N Y N 49  
DG  C5     C Y N 50  
DG  C6     C N N 51  
DG  O6     O N N 52  
DG  N1     N N N 53  
DG  C2     C N N 54  
DG  N2     N N N 55  
DG  N3     N N N 56  
DG  C4     C Y N 57  
DG  HOP3   H N N 58  
DG  HOP2   H N N 59  
DG  "H5'"  H N N 60  
DG  "H5''" H N N 61  
DG  "H4'"  H N N 62  
DG  "H3'"  H N N 63  
DG  "HO3'" H N N 64  
DG  "H2'"  H N N 65  
DG  "H2''" H N N 66  
DG  "H1'"  H N N 67  
DG  H8     H N N 68  
DG  H1     H N N 69  
DG  H21    H N N 70  
DG  H22    H N N 71  
DI  OP3    O N N 72  
DI  P      P N N 73  
DI  OP1    O N N 74  
DI  OP2    O N N 75  
DI  "O5'"  O N N 76  
DI  "C5'"  C N N 77  
DI  "C4'"  C N R 78  
DI  "O4'"  O N N 79  
DI  "C3'"  C N S 80  
DI  "O3'"  O N N 81  
DI  "C2'"  C N N 82  
DI  "C1'"  C N R 83  
DI  N9     N Y N 84  
DI  C8     C Y N 85  
DI  N7     N Y N 86  
DI  C5     C Y N 87  
DI  C6     C N N 88  
DI  O6     O N N 89  
DI  N1     N N N 90  
DI  C2     C N N 91  
DI  N3     N N N 92  
DI  C4     C Y N 93  
DI  HOP3   H N N 94  
DI  HOP2   H N N 95  
DI  "H5'"  H N N 96  
DI  "H5''" H N N 97  
DI  "H4'"  H N N 98  
DI  "H3'"  H N N 99  
DI  "HO3'" H N N 100 
DI  "H2'"  H N N 101 
DI  "H2''" H N N 102 
DI  "H1'"  H N N 103 
DI  H8     H N N 104 
DI  H1     H N N 105 
DI  H2     H N N 106 
DT  OP3    O N N 107 
DT  P      P N N 108 
DT  OP1    O N N 109 
DT  OP2    O N N 110 
DT  "O5'"  O N N 111 
DT  "C5'"  C N N 112 
DT  "C4'"  C N R 113 
DT  "O4'"  O N N 114 
DT  "C3'"  C N S 115 
DT  "O3'"  O N N 116 
DT  "C2'"  C N N 117 
DT  "C1'"  C N R 118 
DT  N1     N N N 119 
DT  C2     C N N 120 
DT  O2     O N N 121 
DT  N3     N N N 122 
DT  C4     C N N 123 
DT  O4     O N N 124 
DT  C5     C N N 125 
DT  C7     C N N 126 
DT  C6     C N N 127 
DT  HOP3   H N N 128 
DT  HOP2   H N N 129 
DT  "H5'"  H N N 130 
DT  "H5''" H N N 131 
DT  "H4'"  H N N 132 
DT  "H3'"  H N N 133 
DT  "HO3'" H N N 134 
DT  "H2'"  H N N 135 
DT  "H2''" H N N 136 
DT  "H1'"  H N N 137 
DT  H3     H N N 138 
DT  H71    H N N 139 
DT  H72    H N N 140 
DT  H73    H N N 141 
DT  H6     H N N 142 
HOH O      O N N 143 
HOH H1     H N N 144 
HOH H2     H N N 145 
# 
loop_
_chem_comp_bond.comp_id 
_chem_comp_bond.atom_id_1 
_chem_comp_bond.atom_id_2 
_chem_comp_bond.value_order 
_chem_comp_bond.pdbx_aromatic_flag 
_chem_comp_bond.pdbx_stereo_config 
_chem_comp_bond.pdbx_ordinal 
DC  OP3   P      sing N N 1   
DC  OP3   HOP3   sing N N 2   
DC  P     OP1    doub N N 3   
DC  P     OP2    sing N N 4   
DC  P     "O5'"  sing N N 5   
DC  OP2   HOP2   sing N N 6   
DC  "O5'" "C5'"  sing N N 7   
DC  "C5'" "C4'"  sing N N 8   
DC  "C5'" "H5'"  sing N N 9   
DC  "C5'" "H5''" sing N N 10  
DC  "C4'" "O4'"  sing N N 11  
DC  "C4'" "C3'"  sing N N 12  
DC  "C4'" "H4'"  sing N N 13  
DC  "O4'" "C1'"  sing N N 14  
DC  "C3'" "O3'"  sing N N 15  
DC  "C3'" "C2'"  sing N N 16  
DC  "C3'" "H3'"  sing N N 17  
DC  "O3'" "HO3'" sing N N 18  
DC  "C2'" "C1'"  sing N N 19  
DC  "C2'" "H2'"  sing N N 20  
DC  "C2'" "H2''" sing N N 21  
DC  "C1'" N1     sing N N 22  
DC  "C1'" "H1'"  sing N N 23  
DC  N1    C2     sing N N 24  
DC  N1    C6     sing N N 25  
DC  C2    O2     doub N N 26  
DC  C2    N3     sing N N 27  
DC  N3    C4     doub N N 28  
DC  C4    N4     sing N N 29  
DC  C4    C5     sing N N 30  
DC  N4    H41    sing N N 31  
DC  N4    H42    sing N N 32  
DC  C5    C6     doub N N 33  
DC  C5    H5     sing N N 34  
DC  C6    H6     sing N N 35  
DG  OP3   P      sing N N 36  
DG  OP3   HOP3   sing N N 37  
DG  P     OP1    doub N N 38  
DG  P     OP2    sing N N 39  
DG  P     "O5'"  sing N N 40  
DG  OP2   HOP2   sing N N 41  
DG  "O5'" "C5'"  sing N N 42  
DG  "C5'" "C4'"  sing N N 43  
DG  "C5'" "H5'"  sing N N 44  
DG  "C5'" "H5''" sing N N 45  
DG  "C4'" "O4'"  sing N N 46  
DG  "C4'" "C3'"  sing N N 47  
DG  "C4'" "H4'"  sing N N 48  
DG  "O4'" "C1'"  sing N N 49  
DG  "C3'" "O3'"  sing N N 50  
DG  "C3'" "C2'"  sing N N 51  
DG  "C3'" "H3'"  sing N N 52  
DG  "O3'" "HO3'" sing N N 53  
DG  "C2'" "C1'"  sing N N 54  
DG  "C2'" "H2'"  sing N N 55  
DG  "C2'" "H2''" sing N N 56  
DG  "C1'" N9     sing N N 57  
DG  "C1'" "H1'"  sing N N 58  
DG  N9    C8     sing Y N 59  
DG  N9    C4     sing Y N 60  
DG  C8    N7     doub Y N 61  
DG  C8    H8     sing N N 62  
DG  N7    C5     sing Y N 63  
DG  C5    C6     sing N N 64  
DG  C5    C4     doub Y N 65  
DG  C6    O6     doub N N 66  
DG  C6    N1     sing N N 67  
DG  N1    C2     sing N N 68  
DG  N1    H1     sing N N 69  
DG  C2    N2     sing N N 70  
DG  C2    N3     doub N N 71  
DG  N2    H21    sing N N 72  
DG  N2    H22    sing N N 73  
DG  N3    C4     sing N N 74  
DI  OP3   P      sing N N 75  
DI  OP3   HOP3   sing N N 76  
DI  P     OP1    doub N N 77  
DI  P     OP2    sing N N 78  
DI  P     "O5'"  sing N N 79  
DI  OP2   HOP2   sing N N 80  
DI  "O5'" "C5'"  sing N N 81  
DI  "C5'" "C4'"  sing N N 82  
DI  "C5'" "H5'"  sing N N 83  
DI  "C5'" "H5''" sing N N 84  
DI  "C4'" "O4'"  sing N N 85  
DI  "C4'" "C3'"  sing N N 86  
DI  "C4'" "H4'"  sing N N 87  
DI  "O4'" "C1'"  sing N N 88  
DI  "C3'" "O3'"  sing N N 89  
DI  "C3'" "C2'"  sing N N 90  
DI  "C3'" "H3'"  sing N N 91  
DI  "O3'" "HO3'" sing N N 92  
DI  "C2'" "C1'"  sing N N 93  
DI  "C2'" "H2'"  sing N N 94  
DI  "C2'" "H2''" sing N N 95  
DI  "C1'" N9     sing N N 96  
DI  "C1'" "H1'"  sing N N 97  
DI  N9    C8     sing Y N 98  
DI  N9    C4     sing Y N 99  
DI  C8    N7     doub Y N 100 
DI  C8    H8     sing N N 101 
DI  N7    C5     sing Y N 102 
DI  C5    C6     sing N N 103 
DI  C5    C4     doub Y N 104 
DI  C6    O6     doub N N 105 
DI  C6    N1     sing N N 106 
DI  N1    C2     sing N N 107 
DI  N1    H1     sing N N 108 
DI  C2    N3     doub N N 109 
DI  C2    H2     sing N N 110 
DI  N3    C4     sing N N 111 
DT  OP3   P      sing N N 112 
DT  OP3   HOP3   sing N N 113 
DT  P     OP1    doub N N 114 
DT  P     OP2    sing N N 115 
DT  P     "O5'"  sing N N 116 
DT  OP2   HOP2   sing N N 117 
DT  "O5'" "C5'"  sing N N 118 
DT  "C5'" "C4'"  sing N N 119 
DT  "C5'" "H5'"  sing N N 120 
DT  "C5'" "H5''" sing N N 121 
DT  "C4'" "O4'"  sing N N 122 
DT  "C4'" "C3'"  sing N N 123 
DT  "C4'" "H4'"  sing N N 124 
DT  "O4'" "C1'"  sing N N 125 
DT  "C3'" "O3'"  sing N N 126 
DT  "C3'" "C2'"  sing N N 127 
DT  "C3'" "H3'"  sing N N 128 
DT  "O3'" "HO3'" sing N N 129 
DT  "C2'" "C1'"  sing N N 130 
DT  "C2'" "H2'"  sing N N 131 
DT  "C2'" "H2''" sing N N 132 
DT  "C1'" N1     sing N N 133 
DT  "C1'" "H1'"  sing N N 134 
DT  N1    C2     sing N N 135 
DT  N1    C6     sing N N 136 
DT  C2    O2     doub N N 137 
DT  C2    N3     sing N N 138 
DT  N3    C4     sing N N 139 
DT  N3    H3     sing N N 140 
DT  C4    O4     doub N N 141 
DT  C4    C5     sing N N 142 
DT  C5    C7     sing N N 143 
DT  C5    C6     doub N N 144 
DT  C7    H71    sing N N 145 
DT  C7    H72    sing N N 146 
DT  C7    H73    sing N N 147 
DT  C6    H6     sing N N 148 
HOH O     H1     sing N N 149 
HOH O     H2     sing N N 150 
# 
loop_
_ndb_struct_conf_na.entry_id 
_ndb_struct_conf_na.feature 
1D90 'double helix'         
1D90 'mismatched base pair' 
# 
loop_
_ndb_struct_na_base_pair.model_number 
_ndb_struct_na_base_pair.i_label_asym_id 
_ndb_struct_na_base_pair.i_label_comp_id 
_ndb_struct_na_base_pair.i_label_seq_id 
_ndb_struct_na_base_pair.i_symmetry 
_ndb_struct_na_base_pair.j_label_asym_id 
_ndb_struct_na_base_pair.j_label_comp_id 
_ndb_struct_na_base_pair.j_label_seq_id 
_ndb_struct_na_base_pair.j_symmetry 
_ndb_struct_na_base_pair.shear 
_ndb_struct_na_base_pair.stretch 
_ndb_struct_na_base_pair.stagger 
_ndb_struct_na_base_pair.buckle 
_ndb_struct_na_base_pair.propeller 
_ndb_struct_na_base_pair.opening 
_ndb_struct_na_base_pair.pair_number 
_ndb_struct_na_base_pair.pair_name 
_ndb_struct_na_base_pair.i_auth_asym_id 
_ndb_struct_na_base_pair.i_auth_seq_id 
_ndb_struct_na_base_pair.i_PDB_ins_code 
_ndb_struct_na_base_pair.j_auth_asym_id 
_ndb_struct_na_base_pair.j_auth_seq_id 
_ndb_struct_na_base_pair.j_PDB_ins_code 
_ndb_struct_na_base_pair.hbond_type_28 
_ndb_struct_na_base_pair.hbond_type_12 
1 A DG 1 1_555 B DC 8 1_555 -0.707 0.059  -0.569 -11.462 2.930   -0.414 1 A_DG1:DC16_B A 1 ? B 16 ? 19 1 
1 A DG 2 1_555 B DC 7 1_555 -0.373 0.061  -0.360 -6.319  -9.969  4.141  2 A_DG2:DC15_B A 2 ? B 15 ? 19 1 
1 A DG 4 1_555 B DC 5 1_555 -0.301 0.052  0.048  -0.538  -6.013  2.248  3 A_DG4:DC13_B A 4 ? B 13 ? 19 1 
1 A DC 5 1_555 B DG 4 1_555 0.409  -0.084 0.020  0.701   -14.806 -1.463 4 A_DC5:DG12_B A 5 ? B 12 ? 19 1 
1 A DC 7 1_555 B DG 2 1_555 0.442  0.032  -0.169 12.800  -13.917 1.890  5 A_DC7:DG10_B A 7 ? B 10 ? 19 1 
1 A DC 8 1_555 B DG 1 1_555 0.445  0.354  -0.130 7.481   -4.011  -1.215 6 A_DC8:DG9_B  A 8 ? B 9  ? 19 1 
# 
loop_
_ndb_struct_na_base_pair_step.model_number 
_ndb_struct_na_base_pair_step.i_label_asym_id_1 
_ndb_struct_na_base_pair_step.i_label_comp_id_1 
_ndb_struct_na_base_pair_step.i_label_seq_id_1 
_ndb_struct_na_base_pair_step.i_symmetry_1 
_ndb_struct_na_base_pair_step.j_label_asym_id_1 
_ndb_struct_na_base_pair_step.j_label_comp_id_1 
_ndb_struct_na_base_pair_step.j_label_seq_id_1 
_ndb_struct_na_base_pair_step.j_symmetry_1 
_ndb_struct_na_base_pair_step.i_label_asym_id_2 
_ndb_struct_na_base_pair_step.i_label_comp_id_2 
_ndb_struct_na_base_pair_step.i_label_seq_id_2 
_ndb_struct_na_base_pair_step.i_symmetry_2 
_ndb_struct_na_base_pair_step.j_label_asym_id_2 
_ndb_struct_na_base_pair_step.j_label_comp_id_2 
_ndb_struct_na_base_pair_step.j_label_seq_id_2 
_ndb_struct_na_base_pair_step.j_symmetry_2 
_ndb_struct_na_base_pair_step.shift 
_ndb_struct_na_base_pair_step.slide 
_ndb_struct_na_base_pair_step.rise 
_ndb_struct_na_base_pair_step.tilt 
_ndb_struct_na_base_pair_step.roll 
_ndb_struct_na_base_pair_step.twist 
_ndb_struct_na_base_pair_step.x_displacement 
_ndb_struct_na_base_pair_step.y_displacement 
_ndb_struct_na_base_pair_step.helical_rise 
_ndb_struct_na_base_pair_step.inclination 
_ndb_struct_na_base_pair_step.tip 
_ndb_struct_na_base_pair_step.helical_twist 
_ndb_struct_na_base_pair_step.step_number 
_ndb_struct_na_base_pair_step.step_name 
_ndb_struct_na_base_pair_step.i_auth_asym_id_1 
_ndb_struct_na_base_pair_step.i_auth_seq_id_1 
_ndb_struct_na_base_pair_step.i_PDB_ins_code_1 
_ndb_struct_na_base_pair_step.j_auth_asym_id_1 
_ndb_struct_na_base_pair_step.j_auth_seq_id_1 
_ndb_struct_na_base_pair_step.j_PDB_ins_code_1 
_ndb_struct_na_base_pair_step.i_auth_asym_id_2 
_ndb_struct_na_base_pair_step.i_auth_seq_id_2 
_ndb_struct_na_base_pair_step.i_PDB_ins_code_2 
_ndb_struct_na_base_pair_step.j_auth_asym_id_2 
_ndb_struct_na_base_pair_step.j_auth_seq_id_2 
_ndb_struct_na_base_pair_step.j_PDB_ins_code_2 
1 A DG 1 1_555 B DC 8 1_555 A DG 2 1_555 B DC 7 1_555 0.805  -2.069 3.426 -0.627 9.501  31.875 -5.139 -1.509 2.699 16.836 1.112  
33.231 1 AA_DG1DG2:DC15DC16_BB A 1 ? B 16 ? A 2 ? B 15 ? 
1 A DG 4 1_555 B DC 5 1_555 A DC 5 1_555 B DG 4 1_555 -0.894 -1.350 3.435 -0.676 8.444  34.603 -3.444 1.364  3.048 13.938 1.115  
35.594 2 AA_DG4DC5:DG12DC13_BB A 4 ? B 13 ? A 5 ? B 12 ? 
1 A DC 5 1_555 B DG 4 1_555 A DC 7 1_555 B DG 2 1_555 0.380  -2.613 6.355 2.858  11.433 64.965 -3.276 -0.130 5.885 10.554 -2.638 
65.910 3 AA_DC5DC7:DG10DG12_BB A 5 ? B 12 ? A 7 ? B 10 ? 
1 A DC 7 1_555 B DG 2 1_555 A DC 8 1_555 B DG 1 1_555 -0.293 -1.692 3.539 -1.116 9.188  32.740 -4.386 0.320  2.977 15.907 1.932  
33.989 4 AA_DC7DC8:DG9DG10_BB  A 7 ? B 10 ? A 8 ? B 9  ? 
# 
_atom_sites.entry_id                    1D90 
_atom_sites.fract_transf_matrix[1][1]   0.01642011 
_atom_sites.fract_transf_matrix[1][2]   0.01926886 
_atom_sites.fract_transf_matrix[1][3]   0.00393629 
_atom_sites.fract_transf_matrix[2][1]   -0.00490692 
_atom_sites.fract_transf_matrix[2][2]   0.01753118 
_atom_sites.fract_transf_matrix[2][3]   0.01802677 
_atom_sites.fract_transf_matrix[3][1]   0.01076408 
_atom_sites.fract_transf_matrix[3][2]   -0.01219373 
_atom_sites.fract_transf_matrix[3][3]   0.01478851 
_atom_sites.fract_transf_vector[1]      0.947508 
_atom_sites.fract_transf_vector[2]      0.423783 
_atom_sites.fract_transf_vector[3]      0.034729 
# 
loop_
_atom_type.symbol 
C 
N 
O 
P 
# 
loop_
_atom_site.group_PDB 
_atom_site.id 
_atom_site.type_symbol 
_atom_site.label_atom_id 
_atom_site.label_alt_id 
_atom_site.label_comp_id 
_atom_site.label_asym_id 
_atom_site.label_entity_id 
_atom_site.label_seq_id 
_atom_site.pdbx_PDB_ins_code 
_atom_site.Cartn_x 
_atom_site.Cartn_y 
_atom_site.Cartn_z 
_atom_site.occupancy 
_atom_site.B_iso_or_equiv 
_atom_site.pdbx_formal_charge 
_atom_site.auth_seq_id 
_atom_site.auth_comp_id 
_atom_site.auth_asym_id 
_atom_site.auth_atom_id 
_atom_site.pdbx_PDB_model_num 
ATOM   1   O "O5'" . DG  A 1 1 ? -14.446 6.510   -4.965  1.00 10.00 ? 1  DG  A "O5'" 1 
ATOM   2   C "C5'" . DG  A 1 1 ? -13.453 6.183   -5.952  1.00 10.00 ? 1  DG  A "C5'" 1 
ATOM   3   C "C4'" . DG  A 1 1 ? -12.856 7.466   -6.515  1.00 10.00 ? 1  DG  A "C4'" 1 
ATOM   4   O "O4'" . DG  A 1 1 ? -12.866 8.651   -5.723  1.00 10.00 ? 1  DG  A "O4'" 1 
ATOM   5   C "C3'" . DG  A 1 1 ? -11.335 7.237   -6.767  1.00 10.00 ? 1  DG  A "C3'" 1 
ATOM   6   O "O3'" . DG  A 1 1 ? -11.199 6.203   -7.732  1.00 10.00 ? 1  DG  A "O3'" 1 
ATOM   7   C "C2'" . DG  A 1 1 ? -11.023 8.690   -7.202  1.00 10.00 ? 1  DG  A "C2'" 1 
ATOM   8   C "C1'" . DG  A 1 1 ? -11.634 9.384   -5.995  1.00 10.00 ? 1  DG  A "C1'" 1 
ATOM   9   N N9    . DG  A 1 1 ? -10.824 9.250   -4.674  1.00 10.00 ? 1  DG  A N9    1 
ATOM   10  C C8    . DG  A 1 1 ? -11.234 8.640   -3.438  1.00 10.00 ? 1  DG  A C8    1 
ATOM   11  N N7    . DG  A 1 1 ? -10.373 8.773   -2.397  1.00 10.00 ? 1  DG  A N7    1 
ATOM   12  C C5    . DG  A 1 1 ? -9.335  9.517   -2.948  1.00 10.00 ? 1  DG  A C5    1 
ATOM   13  C C6    . DG  A 1 1 ? -8.146  10.001  -2.302  1.00 10.00 ? 1  DG  A C6    1 
ATOM   14  O O6    . DG  A 1 1 ? -7.723  9.866   -1.068  1.00 10.00 ? 1  DG  A O6    1 
ATOM   15  N N1    . DG  A 1 1 ? -7.409  10.800  -3.217  1.00 10.00 ? 1  DG  A N1    1 
ATOM   16  C C2    . DG  A 1 1 ? -7.794  11.091  -4.602  1.00 10.00 ? 1  DG  A C2    1 
ATOM   17  N N2    . DG  A 1 1 ? -6.937  11.848  -5.326  1.00 10.00 ? 1  DG  A N2    1 
ATOM   18  N N3    . DG  A 1 1 ? -8.876  10.605  -5.213  1.00 10.00 ? 1  DG  A N3    1 
ATOM   19  C C4    . DG  A 1 1 ? -9.619  9.855   -4.336  1.00 10.00 ? 1  DG  A C4    1 
ATOM   20  P P     . DG  A 1 2 ? -9.821  5.311   -7.743  1.00 10.00 ? 2  DG  A P     1 
ATOM   21  O OP1   . DG  A 1 2 ? -9.803  4.582   -9.020  1.00 10.00 ? 2  DG  A OP1   1 
ATOM   22  O OP2   . DG  A 1 2 ? -9.555  4.533   -6.393  1.00 10.00 ? 2  DG  A OP2   1 
ATOM   23  O "O5'" . DG  A 1 2 ? -8.681  6.462   -7.821  1.00 10.00 ? 2  DG  A "O5'" 1 
ATOM   24  C "C5'" . DG  A 1 2 ? -8.276  6.908   -9.176  1.00 10.00 ? 2  DG  A "C5'" 1 
ATOM   25  C "C4'" . DG  A 1 2 ? -7.021  7.716   -8.938  1.00 10.00 ? 2  DG  A "C4'" 1 
ATOM   26  O "O4'" . DG  A 1 2 ? -7.163  8.496   -7.742  1.00 10.00 ? 2  DG  A "O4'" 1 
ATOM   27  C "C3'" . DG  A 1 2 ? -5.735  6.846   -8.551  1.00 10.00 ? 2  DG  A "C3'" 1 
ATOM   28  O "O3'" . DG  A 1 2 ? -5.195  6.347   -9.805  1.00 10.00 ? 2  DG  A "O3'" 1 
ATOM   29  C "C2'" . DG  A 1 2 ? -4.859  7.960   -7.948  1.00 10.00 ? 2  DG  A "C2'" 1 
ATOM   30  C "C1'" . DG  A 1 2 ? -5.851  8.683   -7.074  1.00 10.00 ? 2  DG  A "C1'" 1 
ATOM   31  N N9    . DG  A 1 2 ? -5.875  8.152   -5.616  1.00 10.00 ? 2  DG  A N9    1 
ATOM   32  C C8    . DG  A 1 2 ? -6.842  7.370   -4.997  1.00 10.00 ? 2  DG  A C8    1 
ATOM   33  N N7    . DG  A 1 2 ? -6.591  7.126   -3.674  1.00 10.00 ? 2  DG  A N7    1 
ATOM   34  C C5    . DG  A 1 2 ? -5.409  7.820   -3.368  1.00 10.00 ? 2  DG  A C5    1 
ATOM   35  C C6    . DG  A 1 2 ? -4.628  7.884   -2.114  1.00 10.00 ? 2  DG  A C6    1 
ATOM   36  O O6    . DG  A 1 2 ? -4.838  7.387   -0.917  1.00 10.00 ? 2  DG  A O6    1 
ATOM   37  N N1    . DG  A 1 2 ? -3.504  8.684   -2.315  1.00 10.00 ? 2  DG  A N1    1 
ATOM   38  C C2    . DG  A 1 2 ? -3.125  9.279   -3.527  1.00 10.00 ? 2  DG  A C2    1 
ATOM   39  N N2    . DG  A 1 2 ? -2.021  10.024  -3.497  1.00 10.00 ? 2  DG  A N2    1 
ATOM   40  N N3    . DG  A 1 2 ? -3.862  9.227   -4.692  1.00 10.00 ? 2  DG  A N3    1 
ATOM   41  C C4    . DG  A 1 2 ? -4.980  8.464   -4.549  1.00 10.00 ? 2  DG  A C4    1 
ATOM   42  P P     . DI  A 1 3 ? -4.014  5.145   -9.607  1.00 10.00 ? 3  DI  A P     1 
ATOM   43  O OP1   . DI  A 1 3 ? -3.465  4.860   -10.932 1.00 10.00 ? 3  DI  A OP1   1 
ATOM   44  O OP2   . DI  A 1 3 ? -4.585  4.089   -8.642  1.00 10.00 ? 3  DI  A OP2   1 
ATOM   45  O "O5'" . DI  A 1 3 ? -2.881  5.824   -8.644  1.00 10.00 ? 3  DI  A "O5'" 1 
ATOM   46  C "C5'" . DI  A 1 3 ? -1.505  5.697   -9.005  1.00 10.00 ? 3  DI  A "C5'" 1 
ATOM   47  C "C4'" . DI  A 1 3 ? -0.640  6.570   -8.149  1.00 10.00 ? 3  DI  A "C4'" 1 
ATOM   48  O "O4'" . DI  A 1 3 ? -1.320  7.203   -7.064  1.00 10.00 ? 3  DI  A "O4'" 1 
ATOM   49  C "C3'" . DI  A 1 3 ? 0.473   5.659   -7.293  1.00 10.00 ? 3  DI  A "C3'" 1 
ATOM   50  O "O3'" . DI  A 1 3 ? 1.266   5.096   -8.377  1.00 10.00 ? 3  DI  A "O3'" 1 
ATOM   51  C "C2'" . DI  A 1 3 ? 1.061   6.833   -6.521  1.00 10.00 ? 3  DI  A "C2'" 1 
ATOM   52  C "C1'" . DI  A 1 3 ? -0.242  7.507   -6.041  1.00 10.00 ? 3  DI  A "C1'" 1 
ATOM   53  N N9    . DI  A 1 3 ? -0.709  6.840   -4.736  1.00 10.00 ? 3  DI  A N9    1 
ATOM   54  C C8    . DI  A 1 3 ? -1.868  6.126   -4.590  1.00 10.00 ? 3  DI  A C8    1 
ATOM   55  N N7    . DI  A 1 3 ? -2.030  5.673   -3.317  1.00 10.00 ? 3  DI  A N7    1 
ATOM   56  C C5    . DI  A 1 3 ? -0.919  6.159   -2.583  1.00 10.00 ? 3  DI  A C5    1 
ATOM   57  C C6    . DI  A 1 3 ? -0.528  5.967   -1.148  1.00 10.00 ? 3  DI  A C6    1 
ATOM   58  O O6    . DI  A 1 3 ? -1.187  5.380   -0.223  1.00 10.00 ? 3  DI  A O6    1 
ATOM   59  N N1    . DI  A 1 3 ? 0.644   6.671   -0.820  1.00 10.00 ? 3  DI  A N1    1 
ATOM   60  C C2    . DI  A 1 3 ? 1.398   7.357   -1.759  1.00 10.00 ? 3  DI  A C2    1 
ATOM   61  N N3    . DI  A 1 3 ? 1.118   7.443   -3.117  1.00 10.00 ? 3  DI  A N3    1 
ATOM   62  C C4    . DI  A 1 3 ? -0.069  6.830   -3.448  1.00 10.00 ? 3  DI  A C4    1 
ATOM   63  P P     . DG  A 1 4 ? 2.196   3.777   -7.962  1.00 10.00 ? 4  DG  A P     1 
ATOM   64  O OP1   . DG  A 1 4 ? 3.204   3.597   -9.049  1.00 10.00 ? 4  DG  A OP1   1 
ATOM   65  O OP2   . DG  A 1 4 ? 1.330   2.656   -7.600  1.00 10.00 ? 4  DG  A OP2   1 
ATOM   66  O "O5'" . DG  A 1 4 ? 3.120   4.163   -6.643  1.00 10.00 ? 4  DG  A "O5'" 1 
ATOM   67  C "C5'" . DG  A 1 4 ? 4.403   4.770   -6.756  1.00 10.00 ? 4  DG  A "C5'" 1 
ATOM   68  C "C4'" . DG  A 1 4 ? 5.020   4.918   -5.307  1.00 10.00 ? 4  DG  A "C4'" 1 
ATOM   69  O "O4'" . DG  A 1 4 ? 4.036   5.469   -4.436  1.00 10.00 ? 4  DG  A "O4'" 1 
ATOM   70  C "C3'" . DG  A 1 4 ? 5.498   3.598   -4.449  1.00 10.00 ? 4  DG  A "C3'" 1 
ATOM   71  O "O3'" . DG  A 1 4 ? 6.824   3.230   -4.878  1.00 10.00 ? 4  DG  A "O3'" 1 
ATOM   72  C "C2'" . DG  A 1 4 ? 5.643   4.134   -2.978  1.00 10.00 ? 4  DG  A "C2'" 1 
ATOM   73  C "C1'" . DG  A 1 4 ? 4.337   5.007   -3.016  1.00 10.00 ? 4  DG  A "C1'" 1 
ATOM   74  N N9    . DG  A 1 4 ? 3.153   4.199   -2.637  1.00 10.00 ? 4  DG  A N9    1 
ATOM   75  C C8    . DG  A 1 4 ? 2.088   3.776   -3.419  1.00 10.00 ? 4  DG  A C8    1 
ATOM   76  N N7    . DG  A 1 4 ? 1.151   3.243   -2.690  1.00 10.00 ? 4  DG  A N7    1 
ATOM   77  C C5    . DG  A 1 4 ? 1.656   3.245   -1.328  1.00 10.00 ? 4  DG  A C5    1 
ATOM   78  C C6    . DG  A 1 4 ? 1.132   2.724   -0.094  1.00 10.00 ? 4  DG  A C6    1 
ATOM   79  O O6    . DG  A 1 4 ? 0.045   2.135   0.056   1.00 10.00 ? 4  DG  A O6    1 
ATOM   80  N N1    . DG  A 1 4 ? 2.014   2.882   1.041   1.00 10.00 ? 4  DG  A N1    1 
ATOM   81  C C2    . DG  A 1 4 ? 3.254   3.468   1.004   1.00 10.00 ? 4  DG  A C2    1 
ATOM   82  N N2    . DG  A 1 4 ? 3.978   3.576   2.204   1.00 10.00 ? 4  DG  A N2    1 
ATOM   83  N N3    . DG  A 1 4 ? 3.786   3.920   -0.151  1.00 10.00 ? 4  DG  A N3    1 
ATOM   84  C C4    . DG  A 1 4 ? 2.897   3.817   -1.275  1.00 10.00 ? 4  DG  A C4    1 
ATOM   85  P P     . DC  A 1 5 ? 7.281   1.725   -5.154  1.00 10.00 ? 5  DC  A P     1 
ATOM   86  O OP1   . DC  A 1 5 ? 8.569   1.860   -5.878  1.00 10.00 ? 5  DC  A OP1   1 
ATOM   87  O OP2   . DC  A 1 5 ? 6.150   0.966   -5.667  1.00 10.00 ? 5  DC  A OP2   1 
ATOM   88  O "O5'" . DC  A 1 5 ? 7.828   1.123   -3.603  1.00 10.00 ? 5  DC  A "O5'" 1 
ATOM   89  C "C5'" . DC  A 1 5 ? 9.066   1.644   -3.008  1.00 10.00 ? 5  DC  A "C5'" 1 
ATOM   90  C "C4'" . DC  A 1 5 ? 9.056   1.353   -1.440  1.00 10.00 ? 5  DC  A "C4'" 1 
ATOM   91  O "O4'" . DC  A 1 5 ? 7.808   1.898   -0.962  1.00 10.00 ? 5  DC  A "O4'" 1 
ATOM   92  C "C3'" . DC  A 1 5 ? 9.014   -0.156  -0.966  1.00 10.00 ? 5  DC  A "C3'" 1 
ATOM   93  O "O3'" . DC  A 1 5 ? 10.340  -0.801  -0.926  1.00 10.00 ? 5  DC  A "O3'" 1 
ATOM   94  C "C2'" . DC  A 1 5 ? 8.475   -0.035  0.489   1.00 10.00 ? 5  DC  A "C2'" 1 
ATOM   95  C "C1'" . DC  A 1 5 ? 7.404   1.118   0.245   1.00 10.00 ? 5  DC  A "C1'" 1 
ATOM   96  N N1    . DC  A 1 5 ? 6.013   0.671   -0.019  1.00 10.00 ? 5  DC  A N1    1 
ATOM   97  C C2    . DC  A 1 5 ? 5.254   0.197   1.072   1.00 10.00 ? 5  DC  A C2    1 
ATOM   98  O O2    . DC  A 1 5 ? 5.817   0.184   2.249   1.00 10.00 ? 5  DC  A O2    1 
ATOM   99  N N3    . DC  A 1 5 ? 3.982   -0.221  0.805   1.00 10.00 ? 5  DC  A N3    1 
ATOM   100 C C4    . DC  A 1 5 ? 3.459   -0.140  -0.509  1.00 10.00 ? 5  DC  A C4    1 
ATOM   101 N N4    . DC  A 1 5 ? 2.182   -0.497  -0.803  1.00 10.00 ? 5  DC  A N4    1 
ATOM   102 C C5    . DC  A 1 5 ? 4.232   0.344   -1.628  1.00 10.00 ? 5  DC  A C5    1 
ATOM   103 C C6    . DC  A 1 5 ? 5.482   0.718   -1.363  1.00 10.00 ? 5  DC  A C6    1 
ATOM   104 P P     . DT  A 1 6 ? 10.611  -2.315  -1.355  1.00 10.00 ? 6  DT  A P     1 
ATOM   105 O OP1   . DT  A 1 6 ? 12.113  -2.589  -1.295  1.00 10.00 ? 6  DT  A OP1   1 
ATOM   106 O OP2   . DT  A 1 6 ? 9.917   -2.579  -2.652  1.00 10.00 ? 6  DT  A OP2   1 
ATOM   107 O "O5'" . DT  A 1 6 ? 10.019  -3.144  -0.084  1.00 10.00 ? 6  DT  A "O5'" 1 
ATOM   108 C "C5'" . DT  A 1 6 ? 10.671  -3.159  1.279   1.00 10.00 ? 6  DT  A "C5'" 1 
ATOM   109 C "C4'" . DT  A 1 6 ? 9.685   -3.801  2.240   1.00 10.00 ? 6  DT  A "C4'" 1 
ATOM   110 O "O4'" . DT  A 1 6 ? 8.461   -2.969  2.129   1.00 10.00 ? 6  DT  A "O4'" 1 
ATOM   111 C "C3'" . DT  A 1 6 ? 9.191   -5.221  1.955   1.00 10.00 ? 6  DT  A "C3'" 1 
ATOM   112 O "O3'" . DT  A 1 6 ? 10.139  -6.311  2.475   1.00 10.00 ? 6  DT  A "O3'" 1 
ATOM   113 C "C2'" . DT  A 1 6 ? 7.895   -5.208  2.750   1.00 10.00 ? 6  DT  A "C2'" 1 
ATOM   114 C "C1'" . DT  A 1 6 ? 7.324   -3.753  2.427   1.00 10.00 ? 6  DT  A "C1'" 1 
ATOM   115 N N1    . DT  A 1 6 ? 6.274   -3.640  1.277   1.00 10.00 ? 6  DT  A N1    1 
ATOM   116 C C2    . DT  A 1 6 ? 4.960   -3.918  1.560   1.00 10.00 ? 6  DT  A C2    1 
ATOM   117 O O2    . DT  A 1 6 ? 4.618   -4.265  2.731   1.00 10.00 ? 6  DT  A O2    1 
ATOM   118 N N3    . DT  A 1 6 ? 4.031   -3.794  0.440   1.00 10.00 ? 6  DT  A N3    1 
ATOM   119 C C4    . DT  A 1 6 ? 4.308   -3.406  -0.917  1.00 10.00 ? 6  DT  A C4    1 
ATOM   120 O O4    . DT  A 1 6 ? 3.406   -3.383  -1.867  1.00 10.00 ? 6  DT  A O4    1 
ATOM   121 C C5    . DT  A 1 6 ? 5.716   -3.164  -1.141  1.00 10.00 ? 6  DT  A C5    1 
ATOM   122 C C7    . DT  A 1 6 ? 6.115   -2.820  -2.582  1.00 10.00 ? 6  DT  A C7    1 
ATOM   123 C C6    . DT  A 1 6 ? 6.630   -3.296  -0.065  1.00 10.00 ? 6  DT  A C6    1 
ATOM   124 P P     . DC  A 1 7 ? 10.284  -7.701  1.736   1.00 10.00 ? 7  DC  A P     1 
ATOM   125 O OP1   . DC  A 1 7 ? 11.686  -8.306  2.073   1.00 10.00 ? 7  DC  A OP1   1 
ATOM   126 O OP2   . DC  A 1 7 ? 9.850   -7.575  0.257   1.00 10.00 ? 7  DC  A OP2   1 
ATOM   127 O "O5'" . DC  A 1 7 ? 9.375   -8.760  2.535   1.00 10.00 ? 7  DC  A "O5'" 1 
ATOM   128 C "C5'" . DC  A 1 7 ? 9.251   -8.819  3.996   1.00 10.00 ? 7  DC  A "C5'" 1 
ATOM   129 C "C4'" . DC  A 1 7 ? 7.851   -9.258  4.285   1.00 10.00 ? 7  DC  A "C4'" 1 
ATOM   130 O "O4'" . DC  A 1 7 ? 6.858   -8.149  3.990   1.00 10.00 ? 7  DC  A "O4'" 1 
ATOM   131 C "C3'" . DC  A 1 7 ? 7.288   -10.450 3.555   1.00 10.00 ? 7  DC  A "C3'" 1 
ATOM   132 O "O3'" . DC  A 1 7 ? 7.864   -11.729 4.212   1.00 10.00 ? 7  DC  A "O3'" 1 
ATOM   133 C "C2'" . DC  A 1 7 ? 5.781   -10.298 3.889   1.00 10.00 ? 7  DC  A "C2'" 1 
ATOM   134 C "C1'" . DC  A 1 7 ? 5.580   -8.753  3.719   1.00 10.00 ? 7  DC  A "C1'" 1 
ATOM   135 N N1    . DC  A 1 7 ? 5.067   -8.245  2.326   1.00 10.00 ? 7  DC  A N1    1 
ATOM   136 C C2    . DC  A 1 7 ? 3.660   -8.164  2.064   1.00 10.00 ? 7  DC  A C2    1 
ATOM   137 O O2    . DC  A 1 7 ? 2.920   -8.523  3.017   1.00 10.00 ? 7  DC  A O2    1 
ATOM   138 N N3    . DC  A 1 7 ? 3.146   -7.645  0.797   1.00 10.00 ? 7  DC  A N3    1 
ATOM   139 C C4    . DC  A 1 7 ? 3.996   -7.274  -0.164  1.00 10.00 ? 7  DC  A C4    1 
ATOM   140 N N4    . DC  A 1 7 ? 3.403   -6.724  -1.376  1.00 10.00 ? 7  DC  A N4    1 
ATOM   141 C C5    . DC  A 1 7 ? 5.436   -7.349  0.091   1.00 10.00 ? 7  DC  A C5    1 
ATOM   142 C C6    . DC  A 1 7 ? 5.940   -7.871  1.328   1.00 10.00 ? 7  DC  A C6    1 
ATOM   143 P P     . DC  A 1 8 ? 7.809   -13.067 3.368   1.00 10.00 ? 8  DC  A P     1 
ATOM   144 O OP1   . DC  A 1 8 ? 8.694   -14.136 4.177   1.00 10.00 ? 8  DC  A OP1   1 
ATOM   145 O OP2   . DC  A 1 8 ? 8.336   -12.738 1.971   1.00 10.00 ? 8  DC  A OP2   1 
ATOM   146 O "O5'" . DC  A 1 8 ? 6.302   -13.521 3.188   1.00 10.00 ? 8  DC  A "O5'" 1 
ATOM   147 C "C5'" . DC  A 1 8 ? 5.583   -13.931 4.384   1.00 10.00 ? 8  DC  A "C5'" 1 
ATOM   148 C "C4'" . DC  A 1 8 ? 4.159   -14.260 3.940   1.00 10.00 ? 8  DC  A "C4'" 1 
ATOM   149 O "O4'" . DC  A 1 8 ? 3.339   -13.032 3.604   1.00 10.00 ? 8  DC  A "O4'" 1 
ATOM   150 C "C3'" . DC  A 1 8 ? 3.965   -15.159 2.719   1.00 10.00 ? 8  DC  A "C3'" 1 
ATOM   151 O "O3'" . DC  A 1 8 ? 4.201   -16.589 3.143   1.00 10.00 ? 8  DC  A "O3'" 1 
ATOM   152 C "C2'" . DC  A 1 8 ? 2.464   -14.822 2.300   1.00 10.00 ? 8  DC  A "C2'" 1 
ATOM   153 C "C1'" . DC  A 1 8 ? 2.338   -13.293 2.525   1.00 10.00 ? 8  DC  A "C1'" 1 
ATOM   154 N N1    . DC  A 1 8 ? 2.608   -12.420 1.274   1.00 10.00 ? 8  DC  A N1    1 
ATOM   155 C C2    . DC  A 1 8 ? 1.468   -12.019 0.373   1.00 10.00 ? 8  DC  A C2    1 
ATOM   156 O O2    . DC  A 1 8 ? 0.347   -12.462 0.671   1.00 10.00 ? 8  DC  A O2    1 
ATOM   157 N N3    . DC  A 1 8 ? 1.636   -11.191 -0.748  1.00 10.00 ? 8  DC  A N3    1 
ATOM   158 C C4    . DC  A 1 8 ? 2.869   -10.745 -0.984  1.00 10.00 ? 8  DC  A C4    1 
ATOM   159 N N4    . DC  A 1 8 ? 3.008   -9.943  -2.131  1.00 10.00 ? 8  DC  A N4    1 
ATOM   160 C C5    . DC  A 1 8 ? 4.036   -11.151 -0.078  1.00 10.00 ? 8  DC  A C5    1 
ATOM   161 C C6    . DC  A 1 8 ? 3.869   -11.966 1.031   1.00 10.00 ? 8  DC  A C6    1 
ATOM   162 O "O5'" . DG  B 1 1 ? -6.266  -7.443  -8.329  1.00 10.00 ? 9  DG  B "O5'" 1 
ATOM   163 C "C5'" . DG  B 1 1 ? -7.425  -7.763  -7.525  1.00 10.00 ? 9  DG  B "C5'" 1 
ATOM   164 C "C4'" . DG  B 1 1 ? -7.050  -8.927  -6.483  1.00 10.00 ? 9  DG  B "C4'" 1 
ATOM   165 O "O4'" . DG  B 1 1 ? -6.082  -9.954  -6.792  1.00 10.00 ? 9  DG  B "O4'" 1 
ATOM   166 C "C3'" . DG  B 1 1 ? -6.571  -8.531  -5.057  1.00 10.00 ? 9  DG  B "C3'" 1 
ATOM   167 O "O3'" . DG  B 1 1 ? -7.726  -7.937  -4.423  1.00 10.00 ? 9  DG  B "O3'" 1 
ATOM   168 C "C2'" . DG  B 1 1 ? -6.158  -9.960  -4.365  1.00 10.00 ? 9  DG  B "C2'" 1 
ATOM   169 C "C1'" . DG  B 1 1 ? -5.403  -10.592 -5.538  1.00 10.00 ? 9  DG  B "C1'" 1 
ATOM   170 N N9    . DG  B 1 1 ? -3.991  -10.133 -5.416  1.00 10.00 ? 9  DG  B N9    1 
ATOM   171 C C8    . DG  B 1 1 ? -3.318  -9.329  -6.341  1.00 10.00 ? 9  DG  B C8    1 
ATOM   172 N N7    . DG  B 1 1 ? -2.083  -9.086  -5.920  1.00 10.00 ? 9  DG  B N7    1 
ATOM   173 C C5    . DG  B 1 1 ? -1.892  -9.837  -4.649  1.00 10.00 ? 9  DG  B C5    1 
ATOM   174 C C6    . DG  B 1 1 ? -0.732  -9.970  -3.705  1.00 10.00 ? 9  DG  B C6    1 
ATOM   175 O O6    . DG  B 1 1 ? 0.386   -9.458  -3.810  1.00 10.00 ? 9  DG  B O6    1 
ATOM   176 N N1    . DG  B 1 1 ? -0.985  -10.817 -2.568  1.00 10.00 ? 9  DG  B N1    1 
ATOM   177 C C2    . DG  B 1 1 ? -2.176  -11.443 -2.333  1.00 10.00 ? 9  DG  B C2    1 
ATOM   178 N N2    . DG  B 1 1 ? -2.231  -12.227 -1.158  1.00 10.00 ? 9  DG  B N2    1 
ATOM   179 N N3    . DG  B 1 1 ? -3.276  -11.294 -3.198  1.00 10.00 ? 9  DG  B N3    1 
ATOM   180 C C4    . DG  B 1 1 ? -3.066  -10.465 -4.320  1.00 10.00 ? 9  DG  B C4    1 
ATOM   181 P P     . DG  B 1 2 ? -7.509  -6.662  -3.564  1.00 10.00 ? 10 DG  B P     1 
ATOM   182 O OP1   . DG  B 1 2 ? -8.859  -5.927  -3.464  1.00 10.00 ? 10 DG  B OP1   1 
ATOM   183 O OP2   . DG  B 1 2 ? -6.396  -5.838  -4.063  1.00 10.00 ? 10 DG  B OP2   1 
ATOM   184 O "O5'" . DG  B 1 2 ? -7.098  -7.300  -2.027  1.00 10.00 ? 10 DG  B "O5'" 1 
ATOM   185 C "C5'" . DG  B 1 2 ? -7.896  -8.310  -1.329  1.00 10.00 ? 10 DG  B "C5'" 1 
ATOM   186 C "C4'" . DG  B 1 2 ? -6.974  -8.935  -0.132  1.00 10.00 ? 10 DG  B "C4'" 1 
ATOM   187 O "O4'" . DG  B 1 2 ? -5.805  -9.630  -0.669  1.00 10.00 ? 10 DG  B "O4'" 1 
ATOM   188 C "C3'" . DG  B 1 2 ? -6.299  -7.881  0.758   1.00 10.00 ? 10 DG  B "C3'" 1 
ATOM   189 O "O3'" . DG  B 1 2 ? -7.194  -7.384  1.730   1.00 10.00 ? 10 DG  B "O3'" 1 
ATOM   190 C "C2'" . DG  B 1 2 ? -5.119  -8.748  1.478   1.00 10.00 ? 10 DG  B "C2'" 1 
ATOM   191 C "C1'" . DG  B 1 2 ? -4.668  -9.582  0.299   1.00 10.00 ? 10 DG  B "C1'" 1 
ATOM   192 N N9    . DG  B 1 2 ? -3.623  -8.815  -0.445  1.00 10.00 ? 10 DG  B N9    1 
ATOM   193 C C8    . DG  B 1 2 ? -3.756  -8.125  -1.718  1.00 10.00 ? 10 DG  B C8    1 
ATOM   194 N N7    . DG  B 1 2 ? -2.647  -7.526  -2.038  1.00 10.00 ? 10 DG  B N7    1 
ATOM   195 C C5    . DG  B 1 2 ? -1.726  -7.865  -0.919  1.00 10.00 ? 10 DG  B C5    1 
ATOM   196 C C6    . DG  B 1 2 ? -0.353  -7.525  -0.716  1.00 10.00 ? 10 DG  B C6    1 
ATOM   197 O O6    . DG  B 1 2 ? 0.339   -6.846  -1.514  1.00 10.00 ? 10 DG  B O6    1 
ATOM   198 N N1    . DG  B 1 2 ? 0.224   -8.129  0.545   1.00 10.00 ? 10 DG  B N1    1 
ATOM   199 C C2    . DG  B 1 2 ? -0.439  -8.972  1.446   1.00 10.00 ? 10 DG  B C2    1 
ATOM   200 N N2    . DG  B 1 2 ? 0.285   -9.457  2.602   1.00 10.00 ? 10 DG  B N2    1 
ATOM   201 N N3    . DG  B 1 2 ? -1.734  -9.235  1.298   1.00 10.00 ? 10 DG  B N3    1 
ATOM   202 C C4    . DG  B 1 2 ? -2.298  -8.694  0.064   1.00 10.00 ? 10 DG  B C4    1 
ATOM   203 P P     . DI  B 1 3 ? -6.972  -5.976  2.422   1.00 10.00 ? 11 DI  B P     1 
ATOM   204 O OP1   . DI  B 1 3 ? -8.277  -5.691  3.088   1.00 10.00 ? 11 DI  B OP1   1 
ATOM   205 O OP2   . DI  B 1 3 ? -6.601  -4.902  1.384   1.00 10.00 ? 11 DI  B OP2   1 
ATOM   206 O "O5'" . DI  B 1 3 ? -5.747  -6.157  3.553   1.00 10.00 ? 11 DI  B "O5'" 1 
ATOM   207 C "C5'" . DI  B 1 3 ? -5.801  -7.211  4.669   1.00 10.00 ? 11 DI  B "C5'" 1 
ATOM   208 C "C4'" . DI  B 1 3 ? -4.473  -7.257  5.502   1.00 10.00 ? 11 DI  B "C4'" 1 
ATOM   209 O "O4'" . DI  B 1 3 ? -3.398  -7.889  4.751   1.00 10.00 ? 11 DI  B "O4'" 1 
ATOM   210 C "C3'" . DI  B 1 3 ? -3.951  -5.857  5.847   1.00 10.00 ? 11 DI  B "C3'" 1 
ATOM   211 O "O3'" . DI  B 1 3 ? -4.541  -5.428  7.100   1.00 10.00 ? 11 DI  B "O3'" 1 
ATOM   212 C "C2'" . DI  B 1 3 ? -2.447  -6.265  6.198   1.00 10.00 ? 11 DI  B "C2'" 1 
ATOM   213 C "C1'" . DI  B 1 3 ? -2.157  -7.226  5.071   1.00 10.00 ? 11 DI  B "C1'" 1 
ATOM   214 N N9    . DI  B 1 3 ? -1.620  -6.510  3.849   1.00 10.00 ? 11 DI  B N9    1 
ATOM   215 C C8    . DI  B 1 3 ? -2.285  -5.991  2.631   1.00 10.00 ? 11 DI  B C8    1 
ATOM   216 N N7    . DI  B 1 3 ? -1.487  -5.415  1.767   1.00 10.00 ? 11 DI  B N7    1 
ATOM   217 C C5    . DI  B 1 3 ? -0.217  -5.500  2.473   1.00 10.00 ? 11 DI  B C5    1 
ATOM   218 C C6    . DI  B 1 3 ? 1.049   -5.022  2.069   1.00 10.00 ? 11 DI  B C6    1 
ATOM   219 O O6    . DI  B 1 3 ? 1.322   -4.418  0.968   1.00 10.00 ? 11 DI  B O6    1 
ATOM   220 N N1    . DI  B 1 3 ? 2.100   -5.372  3.056   1.00 10.00 ? 11 DI  B N1    1 
ATOM   221 C C2    . DI  B 1 3 ? 1.916   -5.990  4.334   1.00 10.00 ? 11 DI  B C2    1 
ATOM   222 N N3    . DI  B 1 3 ? 0.736   -6.425  4.731   1.00 10.00 ? 11 DI  B N3    1 
ATOM   223 C C4    . DI  B 1 3 ? -0.267  -6.221  3.726   1.00 10.00 ? 11 DI  B C4    1 
ATOM   224 P P     . DG  B 1 4 ? -4.660  -3.900  7.484   1.00 10.00 ? 12 DG  B P     1 
ATOM   225 O OP1   . DG  B 1 4 ? -5.472  -3.784  8.731   1.00 10.00 ? 12 DG  B OP1   1 
ATOM   226 O OP2   . DG  B 1 4 ? -5.254  -3.035  6.266   1.00 10.00 ? 12 DG  B OP2   1 
ATOM   227 O "O5'" . DG  B 1 4 ? -3.150  -3.437  7.812   1.00 10.00 ? 12 DG  B "O5'" 1 
ATOM   228 C "C5'" . DG  B 1 4 ? -2.428  -4.039  9.064   1.00 10.00 ? 12 DG  B "C5'" 1 
ATOM   229 C "C4'" . DG  B 1 4 ? -0.957  -3.662  9.110   1.00 10.00 ? 12 DG  B "C4'" 1 
ATOM   230 O "O4'" . DG  B 1 4 ? -0.294  -4.293  7.991   1.00 10.00 ? 12 DG  B "O4'" 1 
ATOM   231 C "C3'" . DG  B 1 4 ? -0.569  -2.190  8.976   1.00 10.00 ? 12 DG  B "C3'" 1 
ATOM   232 O "O3'" . DG  B 1 4 ? -0.742  -1.377  10.113  1.00 10.00 ? 12 DG  B "O3'" 1 
ATOM   233 C "C2'" . DG  B 1 4 ? 0.876   -2.307  8.552   1.00 10.00 ? 12 DG  B "C2'" 1 
ATOM   234 C "C1'" . DG  B 1 4 ? 0.811   -3.459  7.580   1.00 10.00 ? 12 DG  B "C1'" 1 
ATOM   235 N N9    . DG  B 1 4 ? 0.441   -2.922  6.141   1.00 10.00 ? 12 DG  B N9    1 
ATOM   236 C C8    . DG  B 1 4 ? -0.842  -2.844  5.466   1.00 10.00 ? 12 DG  B C8    1 
ATOM   237 N N7    . DG  B 1 4 ? -0.822  -2.347  4.195   1.00 10.00 ? 12 DG  B N7    1 
ATOM   238 C C5    . DG  B 1 4 ? 0.539   -2.056  4.033   1.00 10.00 ? 12 DG  B C5    1 
ATOM   239 C C6    . DG  B 1 4 ? 1.174   -1.515  2.848   1.00 10.00 ? 12 DG  B C6    1 
ATOM   240 O O6    . DG  B 1 4 ? 0.640   -1.169  1.678   1.00 10.00 ? 12 DG  B O6    1 
ATOM   241 N N1    . DG  B 1 4 ? 2.539   -1.362  3.115   1.00 10.00 ? 12 DG  B N1    1 
ATOM   242 C C2    . DG  B 1 4 ? 3.245   -1.722  4.373   1.00 10.00 ? 12 DG  B C2    1 
ATOM   243 N N2    . DG  B 1 4 ? 4.597   -1.509  4.418   1.00 10.00 ? 12 DG  B N2    1 
ATOM   244 N N3    . DG  B 1 4 ? 2.669   -2.273  5.484   1.00 10.00 ? 12 DG  B N3    1 
ATOM   245 C C4    . DG  B 1 4 ? 1.327   -2.464  5.205   1.00 10.00 ? 12 DG  B C4    1 
ATOM   246 P P     . DC  B 1 5 ? -1.548  0.073   10.059  1.00 10.00 ? 13 DC  B P     1 
ATOM   247 O OP1   . DC  B 1 5 ? -2.190  0.064   11.385  1.00 10.00 ? 13 DC  B OP1   1 
ATOM   248 O OP2   . DC  B 1 5 ? -2.558  0.252   8.851   1.00 10.00 ? 13 DC  B OP2   1 
ATOM   249 O "O5'" . DC  B 1 5 ? -0.455  1.210   9.845   1.00 10.00 ? 13 DC  B "O5'" 1 
ATOM   250 C "C5'" . DC  B 1 5 ? 0.894   1.080   10.443  1.00 10.00 ? 13 DC  B "C5'" 1 
ATOM   251 C "C4'" . DC  B 1 5 ? 1.910   1.679   9.522   1.00 10.00 ? 13 DC  B "C4'" 1 
ATOM   252 O "O4'" . DC  B 1 5 ? 2.134   0.813   8.384   1.00 10.00 ? 13 DC  B "O4'" 1 
ATOM   253 C "C3'" . DC  B 1 5 ? 1.600   3.090   8.786   1.00 10.00 ? 13 DC  B "C3'" 1 
ATOM   254 O "O3'" . DC  B 1 5 ? 1.840   4.135   9.726   1.00 10.00 ? 13 DC  B "O3'" 1 
ATOM   255 C "C2'" . DC  B 1 5 ? 2.766   3.028   7.805   1.00 10.00 ? 13 DC  B "C2'" 1 
ATOM   256 C "C1'" . DC  B 1 5 ? 2.539   1.664   7.222   1.00 10.00 ? 13 DC  B "C1'" 1 
ATOM   257 N N1    . DC  B 1 5 ? 1.541   1.608   6.051   1.00 10.00 ? 13 DC  B N1    1 
ATOM   258 C C2    . DC  B 1 5 ? 1.888   2.023   4.727   1.00 10.00 ? 13 DC  B C2    1 
ATOM   259 O O2    . DC  B 1 5 ? 3.056   2.435   4.572   1.00 10.00 ? 13 DC  B O2    1 
ATOM   260 N N3    . DC  B 1 5 ? 0.957   1.931   3.654   1.00 10.00 ? 13 DC  B N3    1 
ATOM   261 C C4    . DC  B 1 5 ? -0.274  1.458   3.889   1.00 10.00 ? 13 DC  B C4    1 
ATOM   262 N N4    . DC  B 1 5 ? -1.146  1.364   2.799   1.00 10.00 ? 13 DC  B N4    1 
ATOM   263 C C5    . DC  B 1 5 ? -0.666  1.045   5.232   1.00 10.00 ? 13 DC  B C5    1 
ATOM   264 C C6    . DC  B 1 5 ? 0.265   1.148   6.279   1.00 10.00 ? 13 DC  B C6    1 
ATOM   265 P P     . DT  B 1 6 ? 1.178   5.653   9.690   1.00 10.00 ? 14 DT  B P     1 
ATOM   266 O OP1   . DT  B 1 6 ? 1.932   6.244   10.913  1.00 10.00 ? 14 DT  B OP1   1 
ATOM   267 O OP2   . DT  B 1 6 ? -0.293  5.524   9.720   1.00 10.00 ? 14 DT  B OP2   1 
ATOM   268 O "O5'" . DT  B 1 6 ? 1.628   6.471   8.352   1.00 10.00 ? 14 DT  B "O5'" 1 
ATOM   269 C "C5'" . DT  B 1 6 ? 3.056   6.793   8.267   1.00 10.00 ? 14 DT  B "C5'" 1 
ATOM   270 C "C4'" . DT  B 1 6 ? 3.298   7.044   6.740   1.00 10.00 ? 14 DT  B "C4'" 1 
ATOM   271 O "O4'" . DT  B 1 6 ? 2.863   5.864   6.044   1.00 10.00 ? 14 DT  B "O4'" 1 
ATOM   272 C "C3'" . DT  B 1 6 ? 2.393   8.190   5.967   1.00 10.00 ? 14 DT  B "C3'" 1 
ATOM   273 O "O3'" . DT  B 1 6 ? 2.863   9.495   6.258   1.00 10.00 ? 14 DT  B "O3'" 1 
ATOM   274 C "C2'" . DT  B 1 6 ? 2.691   7.852   4.497   1.00 10.00 ? 14 DT  B "C2'" 1 
ATOM   275 C "C1'" . DT  B 1 6 ? 2.582   6.309   4.608   1.00 10.00 ? 14 DT  B "C1'" 1 
ATOM   276 N N1    . DT  B 1 6 ? 1.196   5.881   4.226   1.00 10.00 ? 14 DT  B N1    1 
ATOM   277 C C2    . DT  B 1 6 ? 0.873   5.784   2.823   1.00 10.00 ? 14 DT  B C2    1 
ATOM   278 O O2    . DT  B 1 6 ? 1.606   6.135   1.910   1.00 10.00 ? 14 DT  B O2    1 
ATOM   279 N N3    . DT  B 1 6 ? -0.416  5.351   2.543   1.00 10.00 ? 14 DT  B N3    1 
ATOM   280 C C4    . DT  B 1 6 ? -1.360  4.974   3.474   1.00 10.00 ? 14 DT  B C4    1 
ATOM   281 O O4    . DT  B 1 6 ? -2.478  4.589   3.062   1.00 10.00 ? 14 DT  B O4    1 
ATOM   282 C C5    . DT  B 1 6 ? -0.918  5.066   4.914   1.00 10.00 ? 14 DT  B C5    1 
ATOM   283 C C7    . DT  B 1 6 ? -1.883  4.693   6.019   1.00 10.00 ? 14 DT  B C7    1 
ATOM   284 C C6    . DT  B 1 6 ? 0.322   5.513   5.227   1.00 10.00 ? 14 DT  B C6    1 
ATOM   285 P P     . DC  B 1 7 ? 1.992   10.909  6.071   1.00 10.00 ? 15 DC  B P     1 
ATOM   286 O OP1   . DC  B 1 7 ? 2.858   11.932  6.721   1.00 10.00 ? 15 DC  B OP1   1 
ATOM   287 O OP2   . DC  B 1 7 ? 0.641   10.675  6.574   1.00 10.00 ? 15 DC  B OP2   1 
ATOM   288 O "O5'" . DC  B 1 7 ? 1.969   11.325  4.456   1.00 10.00 ? 15 DC  B "O5'" 1 
ATOM   289 C "C5'" . DC  B 1 7 ? 3.117   11.890  3.786   1.00 10.00 ? 15 DC  B "C5'" 1 
ATOM   290 C "C4'" . DC  B 1 7 ? 2.811   11.924  2.234   1.00 10.00 ? 15 DC  B "C4'" 1 
ATOM   291 O "O4'" . DC  B 1 7 ? 2.432   10.567  1.869   1.00 10.00 ? 15 DC  B "O4'" 1 
ATOM   292 C "C3'" . DC  B 1 7 ? 1.475   12.744  1.732   1.00 10.00 ? 15 DC  B "C3'" 1 
ATOM   293 O "O3'" . DC  B 1 7 ? 1.740   14.148  1.604   1.00 10.00 ? 15 DC  B "O3'" 1 
ATOM   294 C "C2'" . DC  B 1 7 ? 1.286   12.189  0.279   1.00 10.00 ? 15 DC  B "C2'" 1 
ATOM   295 C "C1'" . DC  B 1 7 ? 1.532   10.685  0.628   1.00 10.00 ? 15 DC  B "C1'" 1 
ATOM   296 N N1    . DC  B 1 7 ? 0.260   9.995   0.930   1.00 10.00 ? 15 DC  B N1    1 
ATOM   297 C C2    . DC  B 1 7 ? -0.545  9.593   -0.202  1.00 10.00 ? 15 DC  B C2    1 
ATOM   298 O O2    . DC  B 1 7 ? -0.190  9.965   -1.370  1.00 10.00 ? 15 DC  B O2    1 
ATOM   299 N N3    . DC  B 1 7 ? -1.703  8.928   0.058   1.00 10.00 ? 15 DC  B N3    1 
ATOM   300 C C4    . DC  B 1 7 ? -2.027  8.640   1.348   1.00 10.00 ? 15 DC  B C4    1 
ATOM   301 N N4    . DC  B 1 7 ? -3.165  7.985   1.553   1.00 10.00 ? 15 DC  B N4    1 
ATOM   302 C C5    . DC  B 1 7 ? -1.215  9.027   2.496   1.00 10.00 ? 15 DC  B C5    1 
ATOM   303 C C6    . DC  B 1 7 ? -0.106  9.720   2.247   1.00 10.00 ? 15 DC  B C6    1 
ATOM   304 P P     . DC  B 1 8 ? 0.659   15.416  1.585   1.00 10.00 ? 16 DC  B P     1 
ATOM   305 O OP1   . DC  B 1 8 ? 1.541   16.587  1.724   1.00 10.00 ? 16 DC  B OP1   1 
ATOM   306 O OP2   . DC  B 1 8 ? -0.376  15.191  2.604   1.00 10.00 ? 16 DC  B OP2   1 
ATOM   307 O "O5'" . DC  B 1 8 ? -0.116  15.416  0.088   1.00 10.00 ? 16 DC  B "O5'" 1 
ATOM   308 C "C5'" . DC  B 1 8 ? 0.357   15.990  -1.163  1.00 10.00 ? 16 DC  B "C5'" 1 
ATOM   309 C "C4'" . DC  B 1 8 ? -0.563  15.699  -2.372  1.00 10.00 ? 16 DC  B "C4'" 1 
ATOM   310 O "O4'" . DC  B 1 8 ? -0.994  14.327  -2.398  1.00 10.00 ? 16 DC  B "O4'" 1 
ATOM   311 C "C3'" . DC  B 1 8 ? -1.778  16.690  -2.719  1.00 10.00 ? 16 DC  B "C3'" 1 
ATOM   312 O "O3'" . DC  B 1 8 ? -1.461  17.410  -4.010  1.00 10.00 ? 16 DC  B "O3'" 1 
ATOM   313 C "C2'" . DC  B 1 8 ? -2.969  15.777  -2.987  1.00 10.00 ? 16 DC  B "C2'" 1 
ATOM   314 C "C1'" . DC  B 1 8 ? -2.390  14.342  -2.920  1.00 10.00 ? 16 DC  B "C1'" 1 
ATOM   315 N N1    . DC  B 1 8 ? -3.090  13.385  -1.997  1.00 10.00 ? 16 DC  B N1    1 
ATOM   316 C C2    . DC  B 1 8 ? -4.135  12.647  -2.568  1.00 10.00 ? 16 DC  B C2    1 
ATOM   317 O O2    . DC  B 1 8 ? -4.426  12.839  -3.817  1.00 10.00 ? 16 DC  B O2    1 
ATOM   318 N N3    . DC  B 1 8 ? -4.769  11.733  -1.747  1.00 10.00 ? 16 DC  B N3    1 
ATOM   319 C C4    . DC  B 1 8 ? -4.341  11.531  -0.408  1.00 10.00 ? 16 DC  B C4    1 
ATOM   320 N N4    . DC  B 1 8 ? -5.016  10.643  0.327   1.00 10.00 ? 16 DC  B N4    1 
ATOM   321 C C5    . DC  B 1 8 ? -3.298  12.308  0.202   1.00 10.00 ? 16 DC  B C5    1 
ATOM   322 C C6    . DC  B 1 8 ? -2.671  13.191  -0.618  1.00 10.00 ? 16 DC  B C6    1 
HETATM 323 O O     . HOH C 2 . ? 9.452   -16.342 3.328   1.00 10.00 ? 18 HOH A O     1 
HETATM 324 O O     . HOH C 2 . ? 5.434   -6.499  -3.761  1.00 10.00 ? 20 HOH A O     1 
HETATM 325 O O     . HOH C 2 . ? -2.088  -3.864  -1.569  1.00 10.00 ? 22 HOH A O     1 
HETATM 326 O O     . HOH C 2 . ? 13.531  -5.561  -0.161  1.00 10.00 ? 23 HOH A O     1 
HETATM 327 O O     . HOH C 2 . ? 12.642  2.591   -5.184  1.00 10.00 ? 24 HOH A O     1 
HETATM 328 O O     . HOH C 2 . ? 0.397   -3.619  -1.825  1.00 10.00 ? 26 HOH A O     1 
HETATM 329 O O     . HOH C 2 . ? 7.234   -2.161  -6.391  1.00 10.00 ? 28 HOH A O     1 
HETATM 330 O O     . HOH C 2 . ? -18.046 4.346   -2.370  1.00 10.00 ? 29 HOH A O     1 
HETATM 331 O O     . HOH C 2 . ? 1.131   -0.316  -3.350  1.00 10.00 ? 30 HOH A O     1 
HETATM 332 O O     . HOH C 2 . ? 10.281  -12.932 -0.063  1.00 10.00 ? 31 HOH A O     1 
HETATM 333 O O     . HOH C 2 . ? 6.969   -17.394 3.565   1.00 10.00 ? 32 HOH A O     1 
HETATM 334 O O     . HOH C 2 . ? -3.443  3.921   0.448   1.00 10.00 ? 33 HOH A O     1 
HETATM 335 O O     . HOH C 2 . ? -8.409  5.450   -2.475  1.00 10.00 ? 35 HOH A O     1 
HETATM 336 O O     . HOH C 2 . ? 8.480   -6.163  -2.253  1.00 10.00 ? 36 HOH A O     1 
HETATM 337 O O     . HOH C 2 . ? 11.988  -7.008  -1.754  1.00 10.00 ? 38 HOH A O     1 
HETATM 338 O O     . HOH C 2 . ? -0.154  10.525  -8.664  1.00 10.00 ? 39 HOH A O     1 
HETATM 339 O O     . HOH C 2 . ? 3.437   0.478   -5.269  1.00 10.00 ? 42 HOH A O     1 
HETATM 340 O O     . HOH C 2 . ? -4.345  3.752   -2.784  1.00 10.00 ? 43 HOH A O     1 
HETATM 341 O O     . HOH C 2 . ? 10.235  4.186   -6.354  1.00 10.00 ? 44 HOH A O     1 
HETATM 342 O O     . HOH C 2 . ? 5.988   5.175   1.009   1.00 10.00 ? 47 HOH A O     1 
HETATM 343 O O     . HOH C 2 . ? -5.258  4.008   -5.412  1.00 10.00 ? 48 HOH A O     1 
HETATM 344 O O     . HOH C 2 . ? -11.379 6.252   -11.235 1.00 10.00 ? 51 HOH A O     1 
HETATM 345 O O     . HOH C 2 . ? 1.727   -18.397 1.781   1.00 10.00 ? 52 HOH A O     1 
HETATM 346 O O     . HOH C 2 . ? 6.787   3.528   -9.460  1.00 10.00 ? 53 HOH A O     1 
HETATM 347 O O     . HOH C 2 . ? -1.622  1.915   -2.203  1.00 10.00 ? 54 HOH A O     1 
HETATM 348 O O     . HOH C 2 . ? 12.043  -11.024 -0.107  1.00 10.00 ? 57 HOH A O     1 
HETATM 349 O O     . HOH C 2 . ? 11.928  -11.699 2.425   1.00 10.00 ? 58 HOH A O     1 
HETATM 350 O O     . HOH C 2 . ? 3.315   -2.288  -5.071  1.00 10.00 ? 59 HOH A O     1 
HETATM 351 O O     . HOH C 2 . ? -0.903  1.910   -4.971  1.00 10.00 ? 61 HOH A O     1 
HETATM 352 O O     . HOH C 2 . ? 11.931  -17.666 4.653   1.00 10.00 ? 62 HOH A O     1 
HETATM 353 O O     . HOH C 2 . ? -13.029 3.615   -3.945  1.00 10.00 ? 66 HOH A O     1 
HETATM 354 O O     . HOH C 2 . ? 8.680   -0.442  -9.017  1.00 10.00 ? 68 HOH A O     1 
HETATM 355 O O     . HOH C 2 . ? 5.858   1.224   -8.504  1.00 10.00 ? 70 HOH A O     1 
HETATM 356 O O     . HOH C 2 . ? -13.026 1.684   -6.492  1.00 10.00 ? 74 HOH A O     1 
HETATM 357 O O     . HOH C 2 . ? -2.800  10.383  -7.087  1.00 10.00 ? 75 HOH A O     1 
HETATM 358 O O     . HOH C 2 . ? 18.543  -2.870  -7.183  1.00 10.00 ? 81 HOH A O     1 
HETATM 359 O O     . HOH C 2 . ? -4.286  0.825   -4.653  1.00 10.00 ? 84 HOH A O     1 
HETATM 360 O O     . HOH C 2 . ? 9.225   -7.827  -4.638  1.00 10.00 ? 85 HOH A O     1 
HETATM 361 O O     . HOH C 2 . ? 9.507   -4.441  -3.943  1.00 10.00 ? 86 HOH A O     1 
HETATM 362 O O     . HOH C 2 . ? 11.457  -7.009  -4.188  1.00 10.00 ? 90 HOH A O     1 
HETATM 363 O O     . HOH C 2 . ? -13.810 6.938   -1.941  1.00 10.00 ? 91 HOH A O     1 
HETATM 364 O O     . HOH C 2 . ? 13.541  -3.831  -3.283  1.00 10.00 ? 92 HOH A O     1 
HETATM 365 O O     . HOH C 2 . ? 11.070  -0.449  -5.435  1.00 10.00 ? 95 HOH A O     1 
HETATM 366 O O     . HOH C 2 . ? -15.411 4.841   -3.133  1.00 10.00 ? 96 HOH A O     1 
HETATM 367 O O     . HOH C 2 . ? 0.235   -3.251  -4.401  1.00 10.00 ? 97 HOH A O     1 
HETATM 368 O O     . HOH D 2 . ? -3.578  1.119   2.892   1.00 10.00 ? 17 HOH B O     1 
HETATM 369 O O     . HOH D 2 . ? -2.206  -11.411 2.892   1.00 10.00 ? 19 HOH B O     1 
HETATM 370 O O     . HOH D 2 . ? -3.477  -2.254  2.694   1.00 10.00 ? 21 HOH B O     1 
HETATM 371 O O     . HOH D 2 . ? -1.762  -1.434  0.217   1.00 10.00 ? 25 HOH B O     1 
HETATM 372 O O     . HOH D 2 . ? -3.085  13.086  -6.248  1.00 10.00 ? 27 HOH B O     1 
HETATM 373 O O     . HOH D 2 . ? 5.766   2.531   5.321   1.00 10.00 ? 34 HOH B O     1 
HETATM 374 O O     . HOH D 2 . ? -11.165 -5.498  -1.098  1.00 10.00 ? 37 HOH B O     1 
HETATM 375 O O     . HOH D 2 . ? -5.915  -12.229 3.415   1.00 10.00 ? 40 HOH B O     1 
HETATM 376 O O     . HOH D 2 . ? -10.359 -5.480  -5.822  1.00 10.00 ? 41 HOH B O     1 
HETATM 377 O O     . HOH D 2 . ? -1.862  8.682   6.527   1.00 10.00 ? 45 HOH B O     1 
HETATM 378 O O     . HOH D 2 . ? -5.149  -4.585  -1.296  1.00 10.00 ? 46 HOH B O     1 
HETATM 379 O O     . HOH D 2 . ? -4.680  3.043   4.954   1.00 10.00 ? 49 HOH B O     1 
HETATM 380 O O     . HOH D 2 . ? -3.913  8.002   4.866   1.00 10.00 ? 50 HOH B O     1 
HETATM 381 O O     . HOH D 2 . ? -5.560  -0.376  9.892   1.00 10.00 ? 55 HOH B O     1 
HETATM 382 O O     . HOH D 2 . ? -1.085  -8.413  -9.137  1.00 10.00 ? 56 HOH B O     1 
HETATM 383 O O     . HOH D 2 . ? -2.401  4.338   11.266  1.00 10.00 ? 60 HOH B O     1 
HETATM 384 O O     . HOH D 2 . ? -8.879  -3.668  5.017   1.00 10.00 ? 63 HOH B O     1 
HETATM 385 O O     . HOH D 2 . ? 1.651   -7.973  -5.815  1.00 10.00 ? 64 HOH B O     1 
HETATM 386 O O     . HOH D 2 . ? -0.159  -5.963  -4.417  1.00 10.00 ? 65 HOH B O     1 
HETATM 387 O O     . HOH D 2 . ? -4.579  2.490   10.850  1.00 10.00 ? 67 HOH B O     1 
HETATM 388 O O     . HOH D 2 . ? -4.388  11.154  3.309   1.00 10.00 ? 69 HOH B O     1 
HETATM 389 O O     . HOH D 2 . ? -4.180  -13.634 0.878   1.00 10.00 ? 71 HOH B O     1 
HETATM 390 O O     . HOH D 2 . ? -3.236  -14.570 -1.100  1.00 10.00 ? 72 HOH B O     1 
HETATM 391 O O     . HOH D 2 . ? -1.240  -13.841 3.777   1.00 10.00 ? 73 HOH B O     1 
HETATM 392 O O     . HOH D 2 . ? 4.288   3.733   11.977  1.00 10.00 ? 76 HOH B O     1 
HETATM 393 O O     . HOH D 2 . ? -9.065  -3.512  -1.187  1.00 10.00 ? 77 HOH B O     1 
HETATM 394 O O     . HOH D 2 . ? -2.284  7.350   8.707   1.00 10.00 ? 78 HOH B O     1 
HETATM 395 O O     . HOH D 2 . ? -3.419  0.198   5.979   1.00 10.00 ? 79 HOH B O     1 
HETATM 396 O O     . HOH D 2 . ? 1.726   -9.170  -8.851  1.00 10.00 ? 80 HOH B O     1 
HETATM 397 O O     . HOH D 2 . ? 5.475   6.190   3.920   1.00 10.00 ? 82 HOH B O     1 
HETATM 398 O O     . HOH D 2 . ? -2.799  -5.928  -4.625  1.00 10.00 ? 83 HOH B O     1 
HETATM 399 O O     . HOH D 2 . ? -4.111  -14.847 3.269   1.00 10.00 ? 87 HOH B O     1 
HETATM 400 O O     . HOH D 2 . ? 1.179   4.510   13.781  1.00 10.00 ? 88 HOH B O     1 
HETATM 401 O O     . HOH D 2 . ? -7.969  0.857   9.990   1.00 10.00 ? 89 HOH B O     1 
HETATM 402 O O     . HOH D 2 . ? -0.775  -2.085  14.143  1.00 10.00 ? 93 HOH B O     1 
HETATM 403 O O     . HOH D 2 . ? -5.615  -3.699  11.500  1.00 10.00 ? 94 HOH B O     1 
# 
